data_4U3W
#
_entry.id   4U3W
#
_cell.length_a   161.750
_cell.length_b   87.690
_cell.length_c   111.880
_cell.angle_alpha   90.000
_cell.angle_beta   128.310
_cell.angle_gamma   90.000
#
_symmetry.space_group_name_H-M   'C 1 2 1'
#
loop_
_entity.id
_entity.type
_entity.pdbx_description
1 polymer '2-aminomuconate 6-semialdehyde dehydrogenase'
2 non-polymer 'MAGNESIUM ION'
3 non-polymer 1,2-ETHANEDIOL
4 water water
#
_entity_poly.entity_id   1
_entity_poly.type   'polypeptide(L)'
_entity_poly.pdbx_seq_one_letter_code
;MAHHHHHHMVTTQLNSTSRDRQLLRHYINGEFVASGTTFPNLSPVDGRKLADVCEADAALVDSAVQAAHAAQKAGWRDTT
PAQRAAWLHKIADGIEARFDEFVAAEVADTGRPVAQARTLDIARGIANFRTFADLVRTASGEYFETHAADGSELINYVTR
KPLGVIGIISPWNLPLLLFTWKVAPALAMGNCVVAKPSEETPSSATLLAEVMHDVGLPPGVFNLIHGHGQNAAGEFLTRH
PDISAITFTGESRTGSTIMKAVADGVKEVSFELGGKNAAVVFADADFDAAVAGVLRSSFTNAGQVCLCSERVYVERPIFE
RFVAALKEQAQALRVGAPEDPATTMGPLISRGHRDKVLSYFRLAVEEGATVVTGGGAPSFGDARDDGAFVMPTIWTGLPD
SARCVREEIFGPVCHIAPFDDEAEVVKRVNDSAYGLAASIWTTQLARGHRVAKQIETGIVWVNAWFVRDLRTPFGGTKLS
GLGREGGRHSLDFYSELTNVCVRIA
;
_entity_poly.pdbx_strand_id   A,B
#
loop_
_chem_comp.id
_chem_comp.type
_chem_comp.name
_chem_comp.formula
EDO non-polymer 1,2-ETHANEDIOL 'C2 H6 O2'
MG non-polymer 'MAGNESIUM ION' 'Mg 2'
#
# COMPACT_ATOMS: atom_id res chain seq x y z
N ARG A 21 -34.23 -4.73 -28.00
CA ARG A 21 -32.94 -4.35 -27.44
C ARG A 21 -32.82 -4.70 -25.96
N GLN A 22 -31.76 -5.41 -25.59
CA GLN A 22 -31.43 -5.47 -24.18
C GLN A 22 -30.51 -4.28 -23.97
N LEU A 23 -30.82 -3.46 -22.96
CA LEU A 23 -29.96 -2.33 -22.65
C LEU A 23 -29.46 -2.55 -21.25
N LEU A 24 -28.13 -2.56 -21.09
CA LEU A 24 -27.48 -2.71 -19.80
C LEU A 24 -27.17 -1.33 -19.25
N ARG A 25 -27.84 -1.01 -18.16
CA ARG A 25 -27.77 0.29 -17.51
C ARG A 25 -26.83 0.30 -16.30
N HIS A 26 -26.36 1.51 -15.96
CA HIS A 26 -25.65 1.77 -14.72
C HIS A 26 -26.60 1.59 -13.56
N TYR A 27 -26.06 1.42 -12.36
CA TYR A 27 -26.89 1.36 -11.15
C TYR A 27 -26.34 2.38 -10.19
N ILE A 28 -27.06 3.49 -9.99
CA ILE A 28 -26.51 4.58 -9.20
C ILE A 28 -27.51 5.11 -8.19
N ASN A 29 -27.11 5.17 -6.92
CA ASN A 29 -28.00 5.69 -5.87
C ASN A 29 -29.36 4.97 -5.85
N GLY A 30 -29.34 3.65 -5.94
CA GLY A 30 -30.55 2.88 -5.78
C GLY A 30 -31.45 2.76 -7.00
N GLU A 31 -30.99 3.21 -8.17
CA GLU A 31 -31.78 2.97 -9.38
C GLU A 31 -30.94 2.72 -10.63
N PHE A 32 -31.50 1.99 -11.61
CA PHE A 32 -30.89 1.83 -12.90
C PHE A 32 -31.12 3.08 -13.72
N VAL A 33 -30.06 3.50 -14.43
CA VAL A 33 -30.07 4.76 -15.19
C VAL A 33 -29.25 4.52 -16.46
N ALA A 34 -29.75 4.97 -17.61
CA ALA A 34 -28.99 4.91 -18.85
C ALA A 34 -28.00 6.06 -18.93
N SER A 35 -27.29 6.19 -20.03
CA SER A 35 -26.53 7.44 -20.27
C SER A 35 -26.67 7.78 -21.75
N GLY A 36 -25.99 8.82 -22.22
CA GLY A 36 -26.26 9.40 -23.54
C GLY A 36 -25.56 8.74 -24.70
N THR A 37 -24.74 7.70 -24.45
CA THR A 37 -24.20 6.91 -25.60
C THR A 37 -24.13 5.43 -25.14
N THR A 38 -24.09 4.51 -26.12
CA THR A 38 -24.00 3.07 -25.81
C THR A 38 -22.96 2.37 -26.72
N PHE A 39 -22.58 1.14 -26.38
CA PHE A 39 -21.65 0.36 -27.23
C PHE A 39 -22.16 -1.11 -27.25
N PRO A 40 -21.86 -1.88 -28.31
CA PRO A 40 -22.44 -3.23 -28.35
C PRO A 40 -21.65 -4.25 -27.49
N ASN A 41 -22.39 -5.18 -26.91
CA ASN A 41 -21.78 -6.36 -26.22
C ASN A 41 -21.86 -7.53 -27.21
N LEU A 42 -20.73 -8.05 -27.64
CA LEU A 42 -20.69 -9.10 -28.69
C LEU A 42 -20.23 -10.43 -28.14
N SER A 43 -20.84 -11.51 -28.64
CA SER A 43 -20.45 -12.87 -28.23
C SER A 43 -19.05 -13.29 -28.71
N PRO A 44 -18.25 -13.90 -27.86
CA PRO A 44 -16.96 -14.38 -28.36
C PRO A 44 -17.11 -15.77 -29.03
N VAL A 45 -18.30 -16.35 -28.95
CA VAL A 45 -18.53 -17.66 -29.60
C VAL A 45 -18.89 -17.48 -31.09
N ASP A 46 -19.79 -16.55 -31.42
CA ASP A 46 -20.18 -16.37 -32.85
C ASP A 46 -20.24 -14.90 -33.28
N GLY A 47 -19.81 -13.98 -32.43
CA GLY A 47 -19.80 -12.57 -32.80
C GLY A 47 -21.13 -11.83 -32.84
N ARG A 48 -22.21 -12.53 -32.53
CA ARG A 48 -23.55 -11.88 -32.57
C ARG A 48 -23.64 -10.82 -31.47
N LYS A 49 -24.45 -9.79 -31.68
CA LYS A 49 -24.70 -8.80 -30.65
C LYS A 49 -25.62 -9.35 -29.55
N LEU A 50 -25.20 -9.25 -28.30
CA LEU A 50 -25.95 -9.75 -27.13
C LEU A 50 -26.78 -8.64 -26.46
N ALA A 51 -26.29 -7.41 -26.53
CA ALA A 51 -26.90 -6.26 -25.86
C ALA A 51 -26.23 -4.98 -26.26
N ASP A 52 -26.90 -3.87 -25.94
CA ASP A 52 -26.21 -2.57 -25.91
C ASP A 52 -25.92 -2.19 -24.44
N VAL A 53 -24.78 -1.55 -24.23
CA VAL A 53 -24.26 -1.24 -22.90
C VAL A 53 -24.13 0.27 -22.82
N CYS A 54 -24.66 0.87 -21.76
CA CYS A 54 -24.50 2.31 -21.61
C CYS A 54 -23.06 2.69 -21.28
N GLU A 55 -22.60 3.83 -21.74
CA GLU A 55 -21.23 4.28 -21.47
C GLU A 55 -21.19 5.47 -20.51
N ALA A 56 -20.58 5.33 -19.34
CA ALA A 56 -20.60 6.47 -18.38
C ALA A 56 -19.55 7.56 -18.69
N ASP A 57 -19.98 8.82 -18.85
CA ASP A 57 -19.01 9.89 -19.06
C ASP A 57 -18.55 10.40 -17.69
N ALA A 58 -17.62 11.36 -17.70
CA ALA A 58 -17.01 11.82 -16.46
C ALA A 58 -18.03 12.48 -15.47
N ALA A 59 -19.05 13.15 -15.98
CA ALA A 59 -20.08 13.74 -15.08
C ALA A 59 -20.87 12.63 -14.38
N LEU A 60 -21.20 11.58 -15.12
CA LEU A 60 -21.91 10.44 -14.49
C LEU A 60 -21.04 9.67 -13.47
N VAL A 61 -19.78 9.43 -13.81
CA VAL A 61 -18.88 8.88 -12.82
C VAL A 61 -18.85 9.73 -11.54
N ASP A 62 -18.77 11.06 -11.69
CA ASP A 62 -18.73 11.91 -10.50
C ASP A 62 -20.03 11.79 -9.69
N SER A 63 -21.16 11.70 -10.38
CA SER A 63 -22.44 11.45 -9.72
C SER A 63 -22.41 10.18 -8.83
N ALA A 64 -21.82 9.12 -9.34
CA ALA A 64 -21.79 7.85 -8.62
C ALA A 64 -20.93 8.01 -7.37
N VAL A 65 -19.81 8.71 -7.49
CA VAL A 65 -18.94 8.92 -6.34
C VAL A 65 -19.63 9.77 -5.27
N GLN A 66 -20.37 10.80 -5.70
CA GLN A 66 -21.03 11.64 -4.72
C GLN A 66 -22.16 10.87 -4.01
N ALA A 67 -22.87 10.00 -4.74
CA ALA A 67 -23.93 9.17 -4.14
C ALA A 67 -23.33 8.23 -3.08
N ALA A 68 -22.16 7.68 -3.39
CA ALA A 68 -21.45 6.77 -2.47
C ALA A 68 -21.03 7.54 -1.24
N HIS A 69 -20.53 8.76 -1.42
CA HIS A 69 -20.14 9.57 -0.28
C HIS A 69 -21.32 9.97 0.61
N ALA A 70 -22.44 10.32 -0.02
CA ALA A 70 -23.63 10.64 0.77
C ALA A 70 -24.12 9.41 1.56
N ALA A 71 -24.04 8.22 0.96
CA ALA A 71 -24.48 6.98 1.61
C ALA A 71 -23.61 6.61 2.83
N GLN A 72 -22.32 6.93 2.77
CA GLN A 72 -21.49 6.81 3.97
C GLN A 72 -22.10 7.58 5.17
N LYS A 73 -22.36 8.86 4.97
CA LYS A 73 -22.85 9.70 6.05
C LYS A 73 -24.32 9.39 6.38
N ALA A 74 -25.08 8.86 5.44
CA ALA A 74 -26.48 8.56 5.74
C ALA A 74 -26.60 7.32 6.63
N GLY A 75 -25.47 6.69 6.96
CA GLY A 75 -25.52 5.69 8.00
C GLY A 75 -24.85 4.36 7.71
N TRP A 76 -24.47 4.13 6.46
CA TRP A 76 -23.79 2.86 6.13
C TRP A 76 -22.48 2.78 6.87
N ARG A 77 -21.88 3.95 7.07
CA ARG A 77 -20.63 4.07 7.82
C ARG A 77 -20.78 3.55 9.28
N ASP A 78 -21.97 3.70 9.85
CA ASP A 78 -22.16 3.31 11.23
C ASP A 78 -22.78 1.90 11.43
N THR A 79 -22.94 1.11 10.37
CA THR A 79 -23.42 -0.27 10.57
C THR A 79 -22.45 -1.09 11.46
N THR A 80 -22.96 -2.06 12.20
CA THR A 80 -22.10 -2.99 12.93
C THR A 80 -21.62 -4.15 12.05
N PRO A 81 -20.55 -4.84 12.47
CA PRO A 81 -20.12 -6.02 11.71
C PRO A 81 -21.24 -7.06 11.58
N ALA A 82 -22.06 -7.23 12.62
CA ALA A 82 -23.15 -8.19 12.51
C ALA A 82 -24.13 -7.77 11.42
N GLN A 83 -24.45 -6.48 11.38
CA GLN A 83 -25.36 -5.92 10.36
C GLN A 83 -24.77 -6.11 8.97
N ARG A 84 -23.46 -5.86 8.85
CA ARG A 84 -22.84 -6.03 7.53
C ARG A 84 -22.82 -7.49 7.09
N ALA A 85 -22.48 -8.37 8.03
CA ALA A 85 -22.41 -9.80 7.72
C ALA A 85 -23.79 -10.25 7.29
N ALA A 86 -24.83 -9.71 7.93
CA ALA A 86 -26.15 -10.11 7.51
C ALA A 86 -26.50 -9.63 6.09
N TRP A 87 -26.10 -8.41 5.73
CA TRP A 87 -26.31 -7.92 4.37
C TRP A 87 -25.60 -8.84 3.37
N LEU A 88 -24.35 -9.19 3.68
CA LEU A 88 -23.57 -10.00 2.74
C LEU A 88 -24.17 -11.41 2.53
N HIS A 89 -24.71 -12.01 3.60
CA HIS A 89 -25.40 -13.27 3.43
C HIS A 89 -26.70 -13.10 2.65
N LYS A 90 -27.41 -12.00 2.83
CA LYS A 90 -28.62 -11.76 2.02
C LYS A 90 -28.27 -11.66 0.55
N ILE A 91 -27.15 -11.01 0.26
CA ILE A 91 -26.71 -10.85 -1.14
C ILE A 91 -26.35 -12.23 -1.69
N ALA A 92 -25.60 -12.99 -0.90
CA ALA A 92 -25.26 -14.36 -1.32
C ALA A 92 -26.51 -15.18 -1.61
N ASP A 93 -27.51 -15.09 -0.74
CA ASP A 93 -28.78 -15.80 -0.97
C ASP A 93 -29.46 -15.36 -2.26
N GLY A 94 -29.42 -14.05 -2.55
CA GLY A 94 -30.07 -13.51 -3.74
C GLY A 94 -29.45 -13.98 -5.05
N ILE A 95 -28.13 -14.19 -5.03
CA ILE A 95 -27.43 -14.72 -6.21
C ILE A 95 -27.83 -16.20 -6.38
N GLU A 96 -27.74 -16.95 -5.29
CA GLU A 96 -28.14 -18.36 -5.28
CA GLU A 96 -28.15 -18.37 -5.24
C GLU A 96 -29.56 -18.55 -5.81
N ALA A 97 -30.47 -17.67 -5.43
CA ALA A 97 -31.88 -17.71 -5.90
C ALA A 97 -31.98 -17.47 -7.42
N ARG A 98 -30.95 -16.89 -8.02
CA ARG A 98 -30.93 -16.70 -9.45
C ARG A 98 -29.72 -17.40 -10.09
N PHE A 99 -29.32 -18.55 -9.53
CA PHE A 99 -28.05 -19.16 -9.88
C PHE A 99 -27.96 -19.44 -11.38
N ASP A 100 -29.00 -20.03 -11.96
CA ASP A 100 -28.95 -20.36 -13.39
C ASP A 100 -28.88 -19.12 -14.31
N GLU A 101 -29.55 -18.03 -13.94
CA GLU A 101 -29.40 -16.79 -14.69
C GLU A 101 -27.97 -16.27 -14.66
N PHE A 102 -27.32 -16.34 -13.49
CA PHE A 102 -25.96 -15.84 -13.38
C PHE A 102 -25.05 -16.65 -14.26
N VAL A 103 -25.25 -17.97 -14.22
CA VAL A 103 -24.51 -18.88 -15.07
C VAL A 103 -24.67 -18.51 -16.53
N ALA A 104 -25.90 -18.30 -16.97
CA ALA A 104 -26.14 -18.04 -18.41
C ALA A 104 -25.53 -16.70 -18.88
N ALA A 105 -25.58 -15.68 -18.01
CA ALA A 105 -24.98 -14.37 -18.30
C ALA A 105 -23.45 -14.52 -18.43
N GLU A 106 -22.84 -15.25 -17.49
CA GLU A 106 -21.40 -15.43 -17.50
C GLU A 106 -20.97 -16.19 -18.75
N VAL A 107 -21.67 -17.29 -19.05
CA VAL A 107 -21.41 -18.06 -20.26
C VAL A 107 -21.59 -17.21 -21.55
N ALA A 108 -22.64 -16.40 -21.59
CA ALA A 108 -22.91 -15.61 -22.81
C ALA A 108 -21.77 -14.61 -23.07
N ASP A 109 -21.29 -13.94 -22.01
CA ASP A 109 -20.19 -12.97 -22.10
C ASP A 109 -18.84 -13.58 -22.41
N THR A 110 -18.53 -14.74 -21.82
CA THR A 110 -17.18 -15.29 -21.93
C THR A 110 -17.01 -16.54 -22.78
N GLY A 111 -18.08 -17.24 -23.12
CA GLY A 111 -17.96 -18.49 -23.88
C GLY A 111 -17.53 -19.67 -23.02
N ARG A 112 -17.46 -19.47 -21.70
CA ARG A 112 -16.87 -20.48 -20.80
C ARG A 112 -17.75 -21.72 -20.76
N PRO A 113 -17.16 -22.92 -20.80
CA PRO A 113 -18.02 -24.12 -20.78
C PRO A 113 -18.97 -24.10 -19.57
N VAL A 114 -20.22 -24.48 -19.78
CA VAL A 114 -21.24 -24.34 -18.73
C VAL A 114 -20.87 -24.99 -17.40
N ALA A 115 -20.36 -26.23 -17.45
CA ALA A 115 -20.07 -26.95 -16.21
C ALA A 115 -19.03 -26.20 -15.37
N GLN A 116 -18.13 -25.49 -16.04
CA GLN A 116 -17.07 -24.79 -15.33
C GLN A 116 -17.59 -23.45 -14.77
N ALA A 117 -18.50 -22.83 -15.50
CA ALA A 117 -19.10 -21.55 -15.06
C ALA A 117 -19.89 -21.78 -13.78
N ARG A 118 -20.51 -22.95 -13.71
CA ARG A 118 -21.32 -23.33 -12.56
CA ARG A 118 -21.32 -23.33 -12.56
C ARG A 118 -20.43 -23.52 -11.34
N THR A 119 -19.37 -24.32 -11.46
CA THR A 119 -18.60 -24.65 -10.27
C THR A 119 -17.44 -23.73 -9.90
N LEU A 120 -16.79 -23.11 -10.88
CA LEU A 120 -15.67 -22.21 -10.58
C LEU A 120 -16.16 -20.76 -10.52
N ASP A 121 -16.95 -20.33 -11.47
CA ASP A 121 -17.32 -18.90 -11.50
C ASP A 121 -18.42 -18.50 -10.49
N ILE A 122 -19.63 -19.02 -10.68
CA ILE A 122 -20.77 -18.51 -9.93
C ILE A 122 -20.72 -19.03 -8.50
N ALA A 123 -20.35 -20.30 -8.31
CA ALA A 123 -20.28 -20.86 -6.97
C ALA A 123 -19.26 -20.12 -6.08
N ARG A 124 -18.07 -19.81 -6.61
CA ARG A 124 -17.07 -19.12 -5.82
C ARG A 124 -17.43 -17.65 -5.64
N GLY A 125 -18.13 -17.09 -6.63
CA GLY A 125 -18.69 -15.75 -6.52
C GLY A 125 -19.56 -15.63 -5.27
N ILE A 126 -20.42 -16.64 -5.05
CA ILE A 126 -21.28 -16.66 -3.88
C ILE A 126 -20.46 -16.83 -2.62
N ALA A 127 -19.48 -17.74 -2.68
CA ALA A 127 -18.64 -18.03 -1.50
C ALA A 127 -17.84 -16.82 -0.98
N ASN A 128 -17.45 -15.91 -1.89
CA ASN A 128 -16.74 -14.68 -1.50
C ASN A 128 -17.58 -13.89 -0.52
N PHE A 129 -18.89 -13.76 -0.80
CA PHE A 129 -19.75 -12.99 0.12
C PHE A 129 -19.85 -13.70 1.49
N ARG A 130 -20.02 -15.04 1.50
CA ARG A 130 -20.20 -15.75 2.78
C ARG A 130 -18.92 -15.74 3.59
N THR A 131 -17.80 -15.85 2.90
CA THR A 131 -16.52 -15.86 3.57
C THR A 131 -16.22 -14.57 4.30
N PHE A 132 -16.35 -13.45 3.61
CA PHE A 132 -16.06 -12.21 4.27
C PHE A 132 -17.12 -11.83 5.27
N ALA A 133 -18.35 -12.30 5.09
CA ALA A 133 -19.34 -12.10 6.16
C ALA A 133 -18.86 -12.79 7.43
N ASP A 134 -18.41 -14.03 7.37
CA ASP A 134 -17.92 -14.69 8.58
C ASP A 134 -16.62 -14.07 9.14
N LEU A 135 -15.69 -13.66 8.29
CA LEU A 135 -14.48 -13.02 8.83
C LEU A 135 -14.78 -11.73 9.62
N VAL A 136 -15.66 -10.87 9.13
CA VAL A 136 -15.81 -9.60 9.81
CA VAL A 136 -15.86 -9.58 9.78
C VAL A 136 -16.59 -9.82 11.11
N ARG A 137 -17.42 -10.86 11.16
CA ARG A 137 -18.20 -11.10 12.36
C ARG A 137 -17.29 -11.52 13.51
N THR A 138 -16.22 -12.25 13.22
CA THR A 138 -15.35 -12.74 14.28
C THR A 138 -14.13 -11.85 14.50
N ALA A 139 -13.81 -10.95 13.57
CA ALA A 139 -12.54 -10.19 13.69
C ALA A 139 -12.40 -9.42 15.01
N SER A 140 -11.22 -9.46 15.60
CA SER A 140 -10.95 -8.58 16.72
C SER A 140 -9.70 -7.71 16.52
N GLY A 141 -9.25 -7.05 17.60
CA GLY A 141 -8.26 -5.99 17.51
C GLY A 141 -7.16 -6.13 18.54
N GLU A 142 -6.21 -5.20 18.53
CA GLU A 142 -5.05 -5.24 19.43
C GLU A 142 -5.15 -4.20 20.53
N TYR A 143 -4.60 -4.58 21.68
CA TYR A 143 -4.51 -3.72 22.86
C TYR A 143 -3.08 -3.78 23.42
N PHE A 144 -2.54 -2.61 23.75
CA PHE A 144 -1.16 -2.43 24.19
C PHE A 144 -1.16 -1.52 25.41
N GLU A 145 -0.40 -1.83 26.44
CA GLU A 145 -0.21 -0.92 27.56
C GLU A 145 1.13 -0.21 27.44
N THR A 146 1.14 1.10 27.70
CA THR A 146 2.39 1.89 27.63
C THR A 146 2.76 2.48 29.02
N HIS A 147 3.98 2.19 29.46
CA HIS A 147 4.53 2.75 30.70
C HIS A 147 5.61 3.73 30.28
N ALA A 148 5.26 5.02 30.30
CA ALA A 148 6.14 6.04 29.73
C ALA A 148 7.23 6.43 30.73
N ALA A 149 8.28 7.06 30.21
CA ALA A 149 9.44 7.48 30.99
C ALA A 149 9.11 8.29 32.25
N ASP A 150 8.14 9.20 32.13
CA ASP A 150 7.74 10.09 33.22
C ASP A 150 6.83 9.44 34.26
N GLY A 151 6.66 8.12 34.16
CA GLY A 151 5.84 7.37 35.10
C GLY A 151 4.37 7.24 34.75
N SER A 152 3.92 7.91 33.70
CA SER A 152 2.51 7.83 33.36
C SER A 152 2.17 6.51 32.65
N GLU A 153 0.88 6.15 32.64
CA GLU A 153 0.46 4.91 31.98
C GLU A 153 -0.65 5.21 31.01
N LEU A 154 -0.64 4.50 29.88
CA LEU A 154 -1.61 4.77 28.84
C LEU A 154 -2.07 3.44 28.32
N ILE A 155 -3.29 3.41 27.81
CA ILE A 155 -3.73 2.24 27.09
C ILE A 155 -3.89 2.60 25.61
N ASN A 156 -3.61 1.64 24.73
CA ASN A 156 -3.78 1.81 23.30
C ASN A 156 -4.71 0.75 22.78
N TYR A 157 -5.67 1.11 21.94
CA TYR A 157 -6.29 0.06 21.18
C TYR A 157 -6.53 0.46 19.72
N VAL A 158 -6.51 -0.54 18.84
CA VAL A 158 -6.55 -0.25 17.43
C VAL A 158 -7.94 -0.47 16.84
N THR A 159 -8.58 0.62 16.37
CA THR A 159 -9.91 0.54 15.77
CA THR A 159 -9.91 0.54 15.79
C THR A 159 -9.81 0.56 14.25
N ARG A 160 -10.86 0.11 13.56
CA ARG A 160 -10.92 0.11 12.08
C ARG A 160 -12.21 0.82 11.75
N LYS A 161 -12.17 1.72 10.77
CA LYS A 161 -13.39 2.29 10.27
C LYS A 161 -13.25 2.16 8.72
N PRO A 162 -14.34 2.31 7.98
CA PRO A 162 -14.19 2.23 6.52
C PRO A 162 -13.20 3.28 5.97
N LEU A 163 -12.45 2.97 4.89
CA LEU A 163 -11.78 4.03 4.08
C LEU A 163 -12.77 5.08 3.57
N GLY A 164 -13.94 4.62 3.11
CA GLY A 164 -14.95 5.54 2.63
C GLY A 164 -15.61 4.99 1.37
N VAL A 165 -15.07 5.42 0.22
CA VAL A 165 -15.60 5.03 -1.07
C VAL A 165 -14.50 4.26 -1.82
N ILE A 166 -14.77 3.02 -2.16
CA ILE A 166 -13.77 2.22 -2.86
C ILE A 166 -14.11 2.20 -4.35
N GLY A 167 -13.15 2.53 -5.21
CA GLY A 167 -13.34 2.41 -6.64
C GLY A 167 -12.78 1.04 -7.08
N ILE A 168 -13.58 0.27 -7.81
CA ILE A 168 -13.25 -1.13 -8.16
C ILE A 168 -13.27 -1.27 -9.68
N ILE A 169 -12.12 -1.59 -10.26
CA ILE A 169 -12.05 -1.77 -11.68
C ILE A 169 -11.70 -3.25 -11.96
N SER A 170 -12.59 -4.01 -12.57
CA SER A 170 -12.35 -5.47 -12.59
C SER A 170 -12.19 -5.99 -14.01
N PRO A 171 -11.48 -7.13 -14.15
CA PRO A 171 -11.07 -7.64 -15.45
C PRO A 171 -12.16 -8.50 -16.15
N TRP A 172 -11.90 -8.87 -17.40
CA TRP A 172 -12.86 -9.65 -18.15
C TRP A 172 -12.69 -11.18 -18.01
N ASN A 173 -11.60 -11.62 -17.40
CA ASN A 173 -11.32 -13.08 -17.48
C ASN A 173 -12.15 -13.93 -16.51
N LEU A 174 -12.34 -13.48 -15.30
CA LEU A 174 -13.22 -14.32 -14.47
C LEU A 174 -14.19 -13.34 -13.88
N PRO A 175 -15.16 -12.88 -14.68
CA PRO A 175 -15.83 -11.60 -14.36
C PRO A 175 -16.54 -11.59 -13.02
N LEU A 176 -17.45 -12.51 -12.77
CA LEU A 176 -18.18 -12.41 -11.52
C LEU A 176 -17.22 -12.71 -10.37
N LEU A 177 -16.36 -13.71 -10.50
CA LEU A 177 -15.50 -14.14 -9.39
CA LEU A 177 -15.49 -14.15 -9.40
C LEU A 177 -14.61 -13.01 -8.88
N LEU A 178 -13.91 -12.35 -9.81
CA LEU A 178 -12.98 -11.31 -9.42
C LEU A 178 -13.68 -10.00 -9.04
N PHE A 179 -14.87 -9.75 -9.55
CA PHE A 179 -15.69 -8.58 -9.15
C PHE A 179 -16.09 -8.76 -7.66
N THR A 180 -16.62 -9.93 -7.30
CA THR A 180 -17.06 -10.13 -5.93
C THR A 180 -15.90 -10.29 -4.93
N TRP A 181 -14.76 -10.76 -5.41
CA TRP A 181 -13.56 -10.85 -4.62
C TRP A 181 -13.22 -9.45 -4.03
N LYS A 182 -13.57 -8.38 -4.76
CA LYS A 182 -13.36 -7.00 -4.26
C LYS A 182 -14.61 -6.40 -3.62
N VAL A 183 -15.76 -6.60 -4.25
CA VAL A 183 -16.99 -5.99 -3.71
C VAL A 183 -17.29 -6.52 -2.28
N ALA A 184 -17.09 -7.82 -2.06
CA ALA A 184 -17.49 -8.38 -0.75
C ALA A 184 -16.65 -7.84 0.43
N PRO A 185 -15.30 -7.87 0.37
CA PRO A 185 -14.57 -7.27 1.51
C PRO A 185 -14.84 -5.75 1.58
N ALA A 186 -15.00 -5.04 0.44
CA ALA A 186 -15.24 -3.61 0.55
C ALA A 186 -16.52 -3.34 1.35
N LEU A 187 -17.58 -4.07 1.05
CA LEU A 187 -18.85 -3.84 1.74
C LEU A 187 -18.75 -4.37 3.18
N ALA A 188 -18.01 -5.46 3.37
CA ALA A 188 -17.86 -6.05 4.71
C ALA A 188 -17.25 -5.06 5.71
N MET A 189 -16.32 -4.24 5.23
CA MET A 189 -15.66 -3.26 6.10
C MET A 189 -16.41 -1.90 6.15
N GLY A 190 -17.61 -1.86 5.62
CA GLY A 190 -18.48 -0.71 5.83
C GLY A 190 -18.23 0.39 4.84
N ASN A 191 -17.49 0.09 3.76
CA ASN A 191 -17.33 1.09 2.67
C ASN A 191 -18.52 1.14 1.74
N CYS A 192 -18.66 2.26 1.01
CA CYS A 192 -19.48 2.24 -0.18
C CYS A 192 -18.59 1.95 -1.40
N VAL A 193 -19.22 1.59 -2.51
CA VAL A 193 -18.48 1.07 -3.66
CA VAL A 193 -18.41 1.23 -3.66
C VAL A 193 -18.96 1.76 -4.98
N VAL A 194 -18.03 2.11 -5.86
CA VAL A 194 -18.30 2.48 -7.22
C VAL A 194 -17.48 1.52 -8.07
N ALA A 195 -18.17 0.66 -8.82
CA ALA A 195 -17.50 -0.45 -9.47
C ALA A 195 -17.72 -0.43 -10.97
N LYS A 196 -16.63 -0.62 -11.71
CA LYS A 196 -16.70 -0.61 -13.16
C LYS A 196 -16.19 -1.93 -13.72
N PRO A 197 -17.09 -2.80 -14.18
CA PRO A 197 -16.63 -4.10 -14.74
C PRO A 197 -16.10 -3.88 -16.13
N SER A 198 -15.44 -4.91 -16.64
CA SER A 198 -14.88 -4.81 -17.98
C SER A 198 -15.96 -4.59 -19.04
N GLU A 199 -15.61 -3.73 -20.03
CA GLU A 199 -16.52 -3.48 -21.14
C GLU A 199 -16.82 -4.80 -21.90
N GLU A 200 -15.93 -5.81 -21.84
CA GLU A 200 -16.19 -7.09 -22.51
C GLU A 200 -17.22 -7.96 -21.78
N THR A 201 -17.31 -7.76 -20.46
CA THR A 201 -18.12 -8.65 -19.60
C THR A 201 -18.98 -7.90 -18.60
N PRO A 202 -20.03 -7.23 -19.13
CA PRO A 202 -20.91 -6.41 -18.29
C PRO A 202 -22.06 -7.17 -17.61
N SER A 203 -22.41 -8.38 -18.08
CA SER A 203 -23.73 -8.96 -17.79
C SER A 203 -23.91 -9.46 -16.36
N SER A 204 -22.96 -10.27 -15.86
CA SER A 204 -23.11 -10.79 -14.50
C SER A 204 -22.99 -9.69 -13.44
N ALA A 205 -22.17 -8.68 -13.68
CA ALA A 205 -22.14 -7.54 -12.74
C ALA A 205 -23.50 -6.77 -12.72
N THR A 206 -24.16 -6.67 -13.88
CA THR A 206 -25.46 -6.03 -13.91
C THR A 206 -26.49 -6.87 -13.12
N LEU A 207 -26.43 -8.20 -13.24
CA LEU A 207 -27.33 -9.05 -12.45
C LEU A 207 -27.04 -8.87 -10.99
N LEU A 208 -25.75 -8.70 -10.66
CA LEU A 208 -25.41 -8.46 -9.24
C LEU A 208 -26.06 -7.14 -8.72
N ALA A 209 -26.04 -6.10 -9.54
CA ALA A 209 -26.76 -4.88 -9.19
C ALA A 209 -28.25 -5.14 -8.94
N GLU A 210 -28.90 -5.96 -9.78
CA GLU A 210 -30.32 -6.30 -9.57
C GLU A 210 -30.53 -6.98 -8.22
N VAL A 211 -29.59 -7.84 -7.85
CA VAL A 211 -29.68 -8.51 -6.54
C VAL A 211 -29.54 -7.48 -5.40
N MET A 212 -28.54 -6.59 -5.51
CA MET A 212 -28.37 -5.48 -4.56
C MET A 212 -29.68 -4.70 -4.36
N HIS A 213 -30.30 -4.38 -5.49
CA HIS A 213 -31.57 -3.67 -5.52
C HIS A 213 -32.69 -4.49 -4.87
N ASP A 214 -32.79 -5.78 -5.23
CA ASP A 214 -33.89 -6.60 -4.72
C ASP A 214 -33.78 -6.86 -3.21
N VAL A 215 -32.57 -6.96 -2.66
CA VAL A 215 -32.48 -7.16 -1.23
C VAL A 215 -32.60 -5.82 -0.49
N GLY A 216 -32.60 -4.71 -1.23
CA GLY A 216 -32.83 -3.41 -0.62
C GLY A 216 -31.62 -2.83 0.08
N LEU A 217 -30.43 -3.16 -0.39
CA LEU A 217 -29.24 -2.46 0.12
C LEU A 217 -29.46 -0.91 0.00
N PRO A 218 -29.10 -0.13 1.02
CA PRO A 218 -29.39 1.33 0.96
C PRO A 218 -28.83 2.06 -0.29
N PRO A 219 -29.56 3.05 -0.79
CA PRO A 219 -29.14 3.70 -2.05
C PRO A 219 -27.76 4.37 -1.90
N GLY A 220 -26.90 4.18 -2.90
CA GLY A 220 -25.54 4.75 -2.86
C GLY A 220 -24.46 3.87 -2.26
N VAL A 221 -24.86 2.79 -1.58
CA VAL A 221 -23.86 1.91 -0.98
C VAL A 221 -23.13 1.11 -2.07
N PHE A 222 -23.88 0.59 -3.04
CA PHE A 222 -23.29 -0.10 -4.17
C PHE A 222 -23.70 0.60 -5.50
N ASN A 223 -22.72 1.03 -6.28
CA ASN A 223 -22.98 1.74 -7.56
C ASN A 223 -22.20 1.03 -8.67
N LEU A 224 -22.89 0.76 -9.78
CA LEU A 224 -22.31 0.12 -10.96
C LEU A 224 -22.25 1.10 -12.12
N ILE A 225 -21.07 1.31 -12.68
CA ILE A 225 -20.95 2.15 -13.88
C ILE A 225 -20.32 1.35 -14.99
N HIS A 226 -20.94 1.39 -16.17
CA HIS A 226 -20.38 0.69 -17.30
C HIS A 226 -19.56 1.60 -18.18
N GLY A 227 -18.62 0.99 -18.88
CA GLY A 227 -17.86 1.73 -19.85
C GLY A 227 -16.49 1.19 -20.11
N HIS A 228 -15.72 1.94 -20.89
CA HIS A 228 -14.38 1.56 -21.24
C HIS A 228 -13.36 2.01 -20.19
N GLY A 229 -12.08 1.84 -20.51
CA GLY A 229 -11.03 2.05 -19.51
C GLY A 229 -10.31 3.36 -19.80
N GLN A 230 -9.24 3.29 -20.59
CA GLN A 230 -8.48 4.49 -20.91
C GLN A 230 -9.33 5.56 -21.61
N ASN A 231 -9.13 6.81 -21.16
CA ASN A 231 -9.92 7.97 -21.56
C ASN A 231 -11.45 7.75 -21.51
N ALA A 232 -11.82 6.89 -20.59
CA ALA A 232 -13.21 6.52 -20.41
C ALA A 232 -13.53 6.31 -18.92
N ALA A 233 -14.70 5.75 -18.62
CA ALA A 233 -15.17 5.60 -17.26
C ALA A 233 -14.12 5.05 -16.27
N GLY A 234 -13.32 4.05 -16.67
CA GLY A 234 -12.32 3.52 -15.73
C GLY A 234 -11.29 4.55 -15.29
N GLU A 235 -10.72 5.25 -16.27
CA GLU A 235 -9.80 6.33 -15.97
C GLU A 235 -10.45 7.42 -15.14
N PHE A 236 -11.66 7.84 -15.50
CA PHE A 236 -12.33 8.91 -14.75
C PHE A 236 -12.45 8.55 -13.27
N LEU A 237 -12.77 7.29 -13.01
CA LEU A 237 -12.95 6.80 -11.65
C LEU A 237 -11.64 6.94 -10.84
N THR A 238 -10.52 6.57 -11.44
CA THR A 238 -9.24 6.62 -10.75
C THR A 238 -8.74 8.01 -10.44
N ARG A 239 -9.12 9.00 -11.27
CA ARG A 239 -8.69 10.36 -11.06
C ARG A 239 -9.70 11.12 -10.22
N HIS A 240 -10.76 10.45 -9.76
CA HIS A 240 -11.75 11.25 -9.01
C HIS A 240 -11.21 11.68 -7.63
N PRO A 241 -11.31 12.97 -7.31
CA PRO A 241 -10.67 13.34 -6.05
C PRO A 241 -11.41 12.87 -4.79
N ASP A 242 -12.65 12.40 -4.90
CA ASP A 242 -13.38 12.03 -3.71
C ASP A 242 -13.47 10.50 -3.46
N ILE A 243 -12.77 9.70 -4.28
CA ILE A 243 -12.68 8.27 -3.94
C ILE A 243 -11.62 8.12 -2.89
N SER A 244 -11.69 7.05 -2.13
CA SER A 244 -10.71 6.84 -1.05
C SER A 244 -9.60 5.85 -1.46
N ALA A 245 -9.91 4.99 -2.40
CA ALA A 245 -8.99 3.90 -2.77
C ALA A 245 -9.37 3.38 -4.13
N ILE A 246 -8.42 2.73 -4.82
CA ILE A 246 -8.69 2.02 -6.06
C ILE A 246 -8.18 0.59 -5.85
N THR A 247 -9.03 -0.41 -6.13
CA THR A 247 -8.55 -1.82 -6.17
C THR A 247 -8.70 -2.18 -7.63
N PHE A 248 -7.70 -2.88 -8.12
CA PHE A 248 -7.63 -3.08 -9.55
C PHE A 248 -7.00 -4.46 -9.80
N THR A 249 -7.58 -5.24 -10.70
CA THR A 249 -6.95 -6.50 -11.15
C THR A 249 -6.82 -6.38 -12.66
N GLY A 250 -5.62 -6.57 -13.22
CA GLY A 250 -5.46 -6.49 -14.67
C GLY A 250 -4.03 -6.30 -15.13
N GLU A 251 -3.83 -5.69 -16.30
CA GLU A 251 -2.46 -5.60 -16.82
C GLU A 251 -1.58 -4.69 -15.97
N SER A 252 -0.29 -5.04 -15.88
CA SER A 252 0.68 -4.26 -15.11
C SER A 252 0.79 -2.80 -15.63
N ARG A 253 0.75 -2.63 -16.96
CA ARG A 253 0.85 -1.29 -17.57
C ARG A 253 -0.31 -0.39 -17.07
N THR A 254 -1.49 -1.00 -16.94
CA THR A 254 -2.65 -0.25 -16.47
C THR A 254 -2.53 0.06 -14.97
N GLY A 255 -1.99 -0.88 -14.18
CA GLY A 255 -1.65 -0.58 -12.79
C GLY A 255 -0.76 0.67 -12.66
N SER A 256 0.23 0.82 -13.56
CA SER A 256 1.16 1.94 -13.51
C SER A 256 0.42 3.27 -13.80
N THR A 257 -0.47 3.23 -14.79
CA THR A 257 -1.30 4.39 -15.15
C THR A 257 -2.22 4.85 -13.97
N ILE A 258 -2.86 3.87 -13.35
CA ILE A 258 -3.72 4.12 -12.20
C ILE A 258 -2.95 4.72 -11.01
N MET A 259 -1.74 4.19 -10.77
CA MET A 259 -0.86 4.67 -9.70
C MET A 259 -0.52 6.16 -9.84
N LYS A 260 -0.27 6.59 -11.08
CA LYS A 260 -0.07 8.01 -11.37
C LYS A 260 -1.37 8.83 -11.19
N ALA A 261 -2.50 8.25 -11.62
CA ALA A 261 -3.81 8.93 -11.63
C ALA A 261 -4.29 9.26 -10.20
N VAL A 262 -4.05 8.35 -9.25
CA VAL A 262 -4.42 8.59 -7.86
C VAL A 262 -3.36 9.36 -7.04
N ALA A 263 -2.20 9.59 -7.63
CA ALA A 263 -1.07 10.18 -6.89
C ALA A 263 -1.41 11.54 -6.21
N ASP A 264 -2.07 12.45 -6.93
CA ASP A 264 -2.34 13.78 -6.34
C ASP A 264 -3.18 13.73 -5.06
N GLY A 265 -4.08 12.75 -4.98
CA GLY A 265 -4.89 12.52 -3.79
C GLY A 265 -4.29 11.52 -2.79
N VAL A 266 -3.16 10.91 -3.13
CA VAL A 266 -2.52 9.89 -2.29
C VAL A 266 -3.56 8.83 -1.89
N LYS A 267 -4.28 8.33 -2.88
CA LYS A 267 -5.32 7.34 -2.63
C LYS A 267 -4.66 6.02 -2.32
N GLU A 268 -5.31 5.24 -1.47
CA GLU A 268 -4.87 3.86 -1.33
C GLU A 268 -5.04 3.09 -2.63
N VAL A 269 -4.18 2.12 -2.83
CA VAL A 269 -4.22 1.26 -4.00
C VAL A 269 -3.94 -0.19 -3.61
N SER A 270 -4.69 -1.08 -4.25
CA SER A 270 -4.41 -2.52 -4.18
C SER A 270 -4.43 -3.10 -5.59
N PHE A 271 -3.30 -3.68 -6.00
CA PHE A 271 -3.15 -4.15 -7.40
C PHE A 271 -2.85 -5.64 -7.51
N GLU A 272 -3.55 -6.34 -8.39
CA GLU A 272 -3.19 -7.70 -8.76
C GLU A 272 -2.96 -7.69 -10.27
N LEU A 273 -1.70 -7.81 -10.70
CA LEU A 273 -1.36 -7.39 -12.07
C LEU A 273 -0.89 -8.61 -12.91
N GLY A 274 0.01 -8.40 -13.87
CA GLY A 274 0.35 -9.50 -14.78
C GLY A 274 1.25 -10.55 -14.16
N GLY A 275 1.47 -11.65 -14.89
CA GLY A 275 2.46 -12.63 -14.48
C GLY A 275 3.02 -13.38 -15.71
N LYS A 276 4.17 -14.01 -15.55
CA LYS A 276 4.68 -14.99 -16.54
C LYS A 276 5.10 -16.20 -15.76
N ASN A 277 4.09 -16.90 -15.26
CA ASN A 277 4.27 -17.92 -14.25
C ASN A 277 4.87 -19.23 -14.76
N ALA A 278 5.69 -19.85 -13.93
CA ALA A 278 6.30 -21.16 -14.22
C ALA A 278 5.64 -22.32 -13.46
N ALA A 279 5.66 -23.48 -14.10
CA ALA A 279 5.42 -24.76 -13.44
C ALA A 279 6.74 -25.57 -13.54
N VAL A 280 7.17 -26.16 -12.43
CA VAL A 280 8.43 -26.93 -12.37
C VAL A 280 8.09 -28.36 -12.07
N VAL A 281 8.56 -29.28 -12.91
CA VAL A 281 8.33 -30.70 -12.69
C VAL A 281 9.66 -31.45 -12.52
N PHE A 282 9.91 -31.94 -11.31
CA PHE A 282 11.10 -32.72 -11.05
C PHE A 282 10.89 -34.18 -11.51
N ALA A 283 11.96 -34.92 -11.84
CA ALA A 283 11.84 -36.31 -12.26
C ALA A 283 11.20 -37.18 -11.17
N ASP A 284 11.29 -36.79 -9.90
CA ASP A 284 10.69 -37.58 -8.82
C ASP A 284 9.20 -37.28 -8.61
N ALA A 285 8.63 -36.42 -9.45
CA ALA A 285 7.21 -36.10 -9.31
C ALA A 285 6.34 -37.28 -9.65
N ASP A 286 5.10 -37.24 -9.17
CA ASP A 286 4.05 -38.16 -9.62
C ASP A 286 3.73 -37.79 -11.06
N PHE A 287 4.14 -38.62 -12.01
CA PHE A 287 4.15 -38.23 -13.42
C PHE A 287 2.76 -37.95 -13.94
N ASP A 288 1.83 -38.89 -13.72
CA ASP A 288 0.48 -38.67 -14.27
C ASP A 288 -0.22 -37.47 -13.65
N ALA A 289 0.00 -37.25 -12.34
CA ALA A 289 -0.58 -36.07 -11.69
C ALA A 289 0.00 -34.75 -12.20
N ALA A 290 1.31 -34.71 -12.44
CA ALA A 290 1.97 -33.50 -12.92
C ALA A 290 1.54 -33.18 -14.35
N VAL A 291 1.40 -34.20 -15.22
CA VAL A 291 0.90 -33.92 -16.59
C VAL A 291 -0.52 -33.37 -16.54
N ALA A 292 -1.43 -34.02 -15.80
CA ALA A 292 -2.78 -33.46 -15.65
C ALA A 292 -2.79 -32.03 -15.05
N GLY A 293 -1.90 -31.79 -14.08
CA GLY A 293 -1.85 -30.50 -13.38
C GLY A 293 -1.41 -29.39 -14.32
N VAL A 294 -0.40 -29.69 -15.13
CA VAL A 294 0.11 -28.71 -16.11
C VAL A 294 -0.87 -28.49 -17.25
N LEU A 295 -1.61 -29.54 -17.65
CA LEU A 295 -2.73 -29.32 -18.59
C LEU A 295 -3.67 -28.26 -18.01
N ARG A 296 -4.03 -28.45 -16.75
CA ARG A 296 -4.92 -27.53 -16.05
C ARG A 296 -4.35 -26.11 -15.95
N SER A 297 -3.11 -26.00 -15.48
CA SER A 297 -2.55 -24.67 -15.18
C SER A 297 -2.24 -23.94 -16.50
N SER A 298 -2.11 -24.68 -17.60
CA SER A 298 -1.88 -24.02 -18.88
C SER A 298 -3.14 -23.64 -19.67
N PHE A 299 -4.18 -24.46 -19.61
CA PHE A 299 -5.31 -24.27 -20.53
C PHE A 299 -6.67 -23.99 -19.87
N THR A 300 -6.71 -23.91 -18.53
CA THR A 300 -7.93 -23.49 -17.84
C THR A 300 -8.42 -22.12 -18.38
N ASN A 301 -9.72 -21.99 -18.66
CA ASN A 301 -10.27 -20.70 -19.21
C ASN A 301 -9.55 -20.26 -20.47
N ALA A 302 -9.16 -21.22 -21.30
CA ALA A 302 -8.38 -20.98 -22.51
C ALA A 302 -7.08 -20.23 -22.21
N GLY A 303 -6.46 -20.52 -21.06
CA GLY A 303 -5.20 -19.87 -20.69
C GLY A 303 -5.35 -18.40 -20.24
N GLN A 304 -6.59 -17.96 -20.02
CA GLN A 304 -6.87 -16.56 -19.66
C GLN A 304 -7.05 -16.38 -18.13
N VAL A 305 -6.06 -16.81 -17.35
CA VAL A 305 -6.07 -16.57 -15.90
C VAL A 305 -4.73 -15.97 -15.61
N CYS A 306 -4.65 -14.99 -14.72
CA CYS A 306 -3.35 -14.36 -14.45
C CYS A 306 -2.35 -15.36 -13.91
N LEU A 307 -2.92 -16.41 -13.30
CA LEU A 307 -2.15 -17.47 -12.63
C LEU A 307 -1.67 -18.61 -13.53
N CYS A 308 -2.04 -18.57 -14.81
CA CYS A 308 -1.68 -19.69 -15.70
C CYS A 308 -0.19 -19.83 -15.89
N SER A 309 0.23 -21.08 -16.14
CA SER A 309 1.62 -21.37 -16.36
C SER A 309 1.94 -21.27 -17.85
N GLU A 310 2.63 -20.21 -18.26
CA GLU A 310 3.04 -20.09 -19.66
C GLU A 310 4.49 -20.55 -19.85
N ARG A 311 5.25 -20.75 -18.75
CA ARG A 311 6.59 -21.37 -18.80
C ARG A 311 6.48 -22.67 -18.02
N VAL A 312 7.07 -23.73 -18.57
CA VAL A 312 7.17 -25.01 -17.86
C VAL A 312 8.64 -25.47 -17.90
N TYR A 313 9.18 -25.91 -16.75
CA TYR A 313 10.53 -26.49 -16.72
C TYR A 313 10.47 -27.92 -16.20
N VAL A 314 10.99 -28.86 -16.98
CA VAL A 314 10.91 -30.28 -16.63
C VAL A 314 12.31 -30.86 -16.57
N GLU A 315 12.60 -31.60 -15.50
CA GLU A 315 13.93 -32.15 -15.33
C GLU A 315 14.24 -33.10 -16.50
N ARG A 316 15.46 -32.99 -17.04
CA ARG A 316 15.77 -33.60 -18.33
C ARG A 316 15.42 -35.12 -18.47
N PRO A 317 15.63 -35.97 -17.43
CA PRO A 317 15.32 -37.38 -17.71
C PRO A 317 13.85 -37.72 -18.05
N ILE A 318 12.88 -36.87 -17.69
CA ILE A 318 11.50 -37.15 -18.06
C ILE A 318 10.96 -36.15 -19.08
N PHE A 319 11.82 -35.28 -19.61
CA PHE A 319 11.35 -34.17 -20.46
C PHE A 319 10.59 -34.66 -21.70
N GLU A 320 11.19 -35.57 -22.47
CA GLU A 320 10.55 -36.01 -23.72
C GLU A 320 9.22 -36.72 -23.50
N ARG A 321 9.18 -37.61 -22.51
CA ARG A 321 7.95 -38.30 -22.12
C ARG A 321 6.88 -37.31 -21.65
N PHE A 322 7.30 -36.28 -20.89
CA PHE A 322 6.35 -35.29 -20.40
C PHE A 322 5.74 -34.52 -21.58
N VAL A 323 6.60 -34.07 -22.50
CA VAL A 323 6.06 -33.31 -23.64
C VAL A 323 5.06 -34.16 -24.42
N ALA A 324 5.41 -35.41 -24.70
CA ALA A 324 4.55 -36.32 -25.44
C ALA A 324 3.21 -36.56 -24.73
N ALA A 325 3.21 -36.81 -23.42
CA ALA A 325 1.95 -37.02 -22.68
C ALA A 325 1.06 -35.76 -22.64
N LEU A 326 1.69 -34.62 -22.46
CA LEU A 326 0.89 -33.40 -22.44
C LEU A 326 0.26 -33.13 -23.80
N LYS A 327 1.01 -33.44 -24.84
CA LYS A 327 0.53 -33.23 -26.21
C LYS A 327 -0.75 -34.04 -26.43
N GLU A 328 -0.71 -35.32 -26.07
CA GLU A 328 -1.86 -36.21 -26.18
C GLU A 328 -3.11 -35.70 -25.40
N GLN A 329 -2.94 -35.25 -24.16
CA GLN A 329 -4.08 -34.71 -23.43
C GLN A 329 -4.59 -33.37 -24.00
N ALA A 330 -3.67 -32.55 -24.46
CA ALA A 330 -4.05 -31.25 -25.05
C ALA A 330 -4.85 -31.48 -26.35
N GLN A 331 -4.45 -32.47 -27.14
CA GLN A 331 -5.20 -32.78 -28.36
C GLN A 331 -6.54 -33.49 -28.04
N ALA A 332 -6.72 -33.99 -26.82
CA ALA A 332 -8.02 -34.52 -26.45
C ALA A 332 -8.99 -33.43 -25.95
N LEU A 333 -8.52 -32.22 -25.74
CA LEU A 333 -9.45 -31.14 -25.42
C LEU A 333 -10.37 -30.90 -26.64
N ARG A 334 -11.60 -30.46 -26.37
CA ARG A 334 -12.60 -30.20 -27.42
C ARG A 334 -12.92 -28.72 -27.39
N VAL A 335 -12.49 -28.00 -28.41
CA VAL A 335 -12.64 -26.53 -28.46
C VAL A 335 -13.97 -26.19 -29.15
N GLY A 336 -14.86 -25.45 -28.49
CA GLY A 336 -16.12 -25.13 -29.12
C GLY A 336 -17.08 -24.37 -28.23
N ALA A 337 -18.36 -24.38 -28.62
CA ALA A 337 -19.42 -23.58 -28.00
C ALA A 337 -19.91 -24.23 -26.70
N PRO A 338 -20.29 -23.41 -25.71
CA PRO A 338 -20.61 -23.92 -24.36
C PRO A 338 -21.92 -24.73 -24.30
N GLU A 339 -22.83 -24.57 -25.26
CA GLU A 339 -24.03 -25.41 -25.24
C GLU A 339 -23.77 -26.90 -25.55
N ASP A 340 -22.64 -27.22 -26.19
CA ASP A 340 -22.26 -28.62 -26.39
C ASP A 340 -21.67 -29.21 -25.12
N PRO A 341 -22.29 -30.29 -24.58
CA PRO A 341 -21.81 -30.85 -23.30
C PRO A 341 -20.39 -31.42 -23.43
N ALA A 342 -19.97 -31.72 -24.65
CA ALA A 342 -18.64 -32.24 -24.95
C ALA A 342 -17.52 -31.19 -24.99
N THR A 343 -17.87 -29.91 -25.08
CA THR A 343 -16.85 -28.87 -25.13
C THR A 343 -16.03 -28.82 -23.86
N THR A 344 -14.71 -28.82 -23.97
CA THR A 344 -13.95 -28.62 -22.75
C THR A 344 -13.03 -27.40 -22.76
N MET A 345 -12.98 -26.68 -23.89
CA MET A 345 -12.29 -25.39 -23.88
C MET A 345 -13.10 -24.39 -24.74
N GLY A 346 -13.31 -23.19 -24.23
CA GLY A 346 -14.05 -22.14 -24.95
C GLY A 346 -13.16 -21.19 -25.76
N PRO A 347 -13.75 -20.13 -26.34
CA PRO A 347 -13.02 -19.14 -27.12
C PRO A 347 -12.21 -18.15 -26.20
N LEU A 348 -11.31 -17.38 -26.80
CA LEU A 348 -10.81 -16.14 -26.15
C LEU A 348 -11.92 -15.11 -26.06
N ILE A 349 -11.65 -14.07 -25.25
CA ILE A 349 -12.67 -13.12 -24.90
C ILE A 349 -13.18 -12.32 -26.09
N SER A 350 -12.33 -12.11 -27.09
CA SER A 350 -12.68 -11.15 -28.16
C SER A 350 -11.81 -11.38 -29.37
N ARG A 351 -12.23 -10.91 -30.53
CA ARG A 351 -11.39 -11.12 -31.70
C ARG A 351 -10.12 -10.27 -31.64
N GLY A 352 -10.21 -9.11 -31.02
CA GLY A 352 -9.04 -8.28 -30.73
C GLY A 352 -8.04 -9.01 -29.85
N HIS A 353 -8.50 -9.66 -28.79
CA HIS A 353 -7.54 -10.40 -27.99
C HIS A 353 -6.96 -11.56 -28.78
N ARG A 354 -7.79 -12.25 -29.53
CA ARG A 354 -7.27 -13.29 -30.36
C ARG A 354 -6.18 -12.78 -31.33
N ASP A 355 -6.38 -11.58 -31.88
CA ASP A 355 -5.36 -11.02 -32.75
C ASP A 355 -4.01 -10.89 -32.02
N LYS A 356 -4.04 -10.43 -30.76
CA LYS A 356 -2.80 -10.29 -30.00
C LYS A 356 -2.15 -11.69 -29.79
N VAL A 357 -2.96 -12.66 -29.39
CA VAL A 357 -2.43 -14.04 -29.16
C VAL A 357 -1.86 -14.65 -30.46
N LEU A 358 -2.58 -14.52 -31.57
CA LEU A 358 -2.09 -15.12 -32.82
C LEU A 358 -0.82 -14.42 -33.32
N SER A 359 -0.65 -13.16 -32.96
CA SER A 359 0.58 -12.44 -33.24
C SER A 359 1.75 -12.94 -32.39
N TYR A 360 1.49 -13.31 -31.14
CA TYR A 360 2.53 -14.01 -30.40
C TYR A 360 2.81 -15.37 -31.00
N PHE A 361 1.78 -16.04 -31.52
CA PHE A 361 2.01 -17.38 -32.08
C PHE A 361 2.96 -17.27 -33.25
N ARG A 362 2.77 -16.25 -34.09
CA ARG A 362 3.69 -15.99 -35.18
C ARG A 362 5.08 -15.59 -34.67
N LEU A 363 5.14 -14.76 -33.63
CA LEU A 363 6.44 -14.38 -33.07
C LEU A 363 7.25 -15.59 -32.53
N ALA A 364 6.59 -16.53 -31.83
CA ALA A 364 7.27 -17.74 -31.33
C ALA A 364 7.93 -18.49 -32.47
N VAL A 365 7.22 -18.64 -33.58
CA VAL A 365 7.80 -19.30 -34.75
C VAL A 365 9.06 -18.54 -35.29
N GLU A 366 9.00 -17.21 -35.38
CA GLU A 366 10.19 -16.43 -35.80
C GLU A 366 11.36 -16.58 -34.80
N GLU A 367 11.06 -16.76 -33.51
CA GLU A 367 12.11 -16.88 -32.50
C GLU A 367 12.66 -18.31 -32.47
N GLY A 368 12.15 -19.19 -33.33
CA GLY A 368 12.70 -20.53 -33.48
C GLY A 368 12.03 -21.66 -32.69
N ALA A 369 10.78 -21.43 -32.26
CA ALA A 369 10.02 -22.43 -31.49
C ALA A 369 9.61 -23.61 -32.39
N THR A 370 9.59 -24.79 -31.78
CA THR A 370 8.98 -26.00 -32.34
C THR A 370 7.53 -26.07 -31.89
N VAL A 371 6.59 -26.13 -32.82
CA VAL A 371 5.16 -26.19 -32.45
C VAL A 371 4.75 -27.64 -32.26
N VAL A 372 4.65 -28.03 -31.00
CA VAL A 372 4.31 -29.41 -30.64
C VAL A 372 2.84 -29.70 -30.94
N THR A 373 1.97 -28.75 -30.61
CA THR A 373 0.57 -28.87 -31.00
C THR A 373 -0.07 -27.48 -31.10
N GLY A 374 -1.16 -27.36 -31.86
CA GLY A 374 -1.85 -26.08 -31.92
C GLY A 374 -1.17 -25.01 -32.77
N GLY A 375 -1.14 -23.76 -32.32
CA GLY A 375 -0.46 -22.74 -33.11
C GLY A 375 -1.37 -21.92 -34.00
N GLY A 376 -2.68 -22.10 -33.91
CA GLY A 376 -3.58 -21.37 -34.80
C GLY A 376 -5.00 -21.51 -34.30
N ALA A 377 -5.94 -21.06 -35.11
CA ALA A 377 -7.36 -21.11 -34.82
C ALA A 377 -8.00 -22.38 -35.40
N PRO A 378 -9.05 -22.89 -34.75
CA PRO A 378 -9.74 -23.98 -35.47
C PRO A 378 -10.49 -23.46 -36.69
N SER A 379 -10.94 -24.37 -37.53
CA SER A 379 -11.78 -23.97 -38.64
C SER A 379 -13.09 -24.81 -38.60
N PHE A 380 -14.22 -24.14 -38.34
CA PHE A 380 -15.51 -24.80 -38.12
C PHE A 380 -16.41 -24.84 -39.36
N GLY A 381 -16.38 -23.80 -40.19
CA GLY A 381 -17.28 -23.77 -41.33
C GLY A 381 -18.69 -23.32 -41.00
N ASP A 382 -18.87 -22.65 -39.87
CA ASP A 382 -20.16 -22.01 -39.57
C ASP A 382 -19.84 -20.76 -38.71
N ALA A 383 -20.86 -20.21 -38.06
CA ALA A 383 -20.70 -18.92 -37.37
C ALA A 383 -19.71 -18.98 -36.18
N ARG A 384 -19.36 -20.16 -35.68
CA ARG A 384 -18.34 -20.23 -34.65
C ARG A 384 -17.01 -19.64 -35.18
N ASP A 385 -16.84 -19.61 -36.52
CA ASP A 385 -15.65 -19.02 -37.07
C ASP A 385 -15.70 -17.51 -36.93
N ASP A 386 -16.87 -16.95 -36.63
CA ASP A 386 -16.98 -15.49 -36.43
C ASP A 386 -16.66 -15.10 -34.98
N GLY A 387 -16.43 -16.11 -34.16
CA GLY A 387 -16.00 -15.95 -32.77
C GLY A 387 -14.47 -15.86 -32.65
N ALA A 388 -13.97 -16.21 -31.47
CA ALA A 388 -12.57 -15.88 -31.15
C ALA A 388 -11.82 -17.08 -30.69
N PHE A 389 -12.01 -18.23 -31.36
CA PHE A 389 -11.37 -19.46 -30.91
C PHE A 389 -9.90 -19.59 -31.32
N VAL A 390 -9.10 -20.17 -30.43
CA VAL A 390 -7.70 -20.51 -30.68
CA VAL A 390 -7.76 -20.61 -30.84
C VAL A 390 -7.47 -21.93 -30.16
N MET A 391 -6.55 -22.70 -30.77
CA MET A 391 -6.27 -24.06 -30.27
CA MET A 391 -6.23 -24.05 -30.29
C MET A 391 -5.25 -24.03 -29.12
N PRO A 392 -5.38 -24.99 -28.18
CA PRO A 392 -4.33 -25.20 -27.16
C PRO A 392 -2.97 -25.36 -27.81
N THR A 393 -1.95 -24.68 -27.32
CA THR A 393 -0.65 -24.65 -28.01
C THR A 393 0.49 -24.99 -27.05
N ILE A 394 1.42 -25.81 -27.49
CA ILE A 394 2.62 -26.16 -26.74
C ILE A 394 3.85 -25.85 -27.60
N TRP A 395 4.83 -25.13 -27.05
CA TRP A 395 6.11 -24.87 -27.72
C TRP A 395 7.29 -25.54 -26.98
N THR A 396 8.37 -25.82 -27.72
CA THR A 396 9.68 -26.07 -27.13
C THR A 396 10.80 -25.34 -27.89
N GLY A 397 12.04 -25.40 -27.40
CA GLY A 397 13.17 -24.89 -28.17
C GLY A 397 13.54 -23.43 -28.01
N LEU A 398 12.83 -22.68 -27.18
CA LEU A 398 13.15 -21.26 -27.01
C LEU A 398 14.07 -21.02 -25.79
N PRO A 399 15.05 -20.10 -25.91
CA PRO A 399 15.93 -19.75 -24.78
C PRO A 399 15.22 -18.86 -23.78
N ASP A 400 15.71 -18.78 -22.53
CA ASP A 400 15.06 -18.00 -21.46
C ASP A 400 14.90 -16.53 -21.82
N SER A 401 15.70 -16.07 -22.78
CA SER A 401 15.71 -14.67 -23.21
C SER A 401 14.64 -14.33 -24.26
N ALA A 402 13.97 -15.34 -24.81
CA ALA A 402 13.02 -15.09 -25.90
C ALA A 402 11.80 -14.29 -25.40
N ARG A 403 11.27 -13.40 -26.26
CA ARG A 403 10.11 -12.60 -25.89
C ARG A 403 8.91 -13.52 -25.55
N CYS A 404 8.78 -14.63 -26.27
CA CYS A 404 7.60 -15.48 -26.08
C CYS A 404 7.61 -16.26 -24.77
N VAL A 405 8.77 -16.33 -24.10
CA VAL A 405 8.80 -16.95 -22.79
C VAL A 405 8.99 -15.88 -21.70
N ARG A 406 9.08 -14.60 -22.08
CA ARG A 406 9.17 -13.53 -21.06
C ARG A 406 7.88 -12.70 -20.97
N GLU A 407 7.22 -12.48 -22.09
CA GLU A 407 6.06 -11.57 -22.09
C GLU A 407 4.74 -12.32 -21.86
N GLU A 408 3.88 -11.74 -21.04
CA GLU A 408 2.60 -12.41 -20.73
C GLU A 408 1.78 -12.46 -22.03
N ILE A 409 1.31 -13.62 -22.43
CA ILE A 409 0.48 -13.75 -23.65
C ILE A 409 -1.02 -13.79 -23.33
N PHE A 410 -1.38 -14.47 -22.23
CA PHE A 410 -2.76 -14.55 -21.74
C PHE A 410 -3.66 -15.29 -22.73
N GLY A 411 -3.09 -16.36 -23.30
CA GLY A 411 -3.76 -17.34 -24.16
C GLY A 411 -3.40 -18.78 -23.73
N PRO A 412 -3.95 -19.78 -24.44
CA PRO A 412 -3.80 -21.21 -24.11
C PRO A 412 -2.51 -21.76 -24.68
N VAL A 413 -1.43 -21.45 -23.99
CA VAL A 413 -0.11 -21.79 -24.49
C VAL A 413 0.84 -21.98 -23.31
N CYS A 414 1.80 -22.89 -23.49
CA CYS A 414 2.92 -22.99 -22.58
C CYS A 414 4.13 -23.37 -23.41
N HIS A 415 5.29 -22.88 -22.97
CA HIS A 415 6.57 -23.33 -23.48
C HIS A 415 7.16 -24.35 -22.45
N ILE A 416 7.77 -25.43 -22.91
CA ILE A 416 8.40 -26.43 -22.01
C ILE A 416 9.92 -26.48 -22.29
N ALA A 417 10.75 -26.38 -21.24
CA ALA A 417 12.21 -26.51 -21.39
C ALA A 417 12.73 -27.53 -20.42
N PRO A 418 13.84 -28.20 -20.77
CA PRO A 418 14.50 -29.10 -19.81
C PRO A 418 15.38 -28.36 -18.81
N PHE A 419 15.56 -28.92 -17.61
CA PHE A 419 16.59 -28.41 -16.71
C PHE A 419 17.38 -29.58 -16.12
N ASP A 420 18.56 -29.29 -15.57
CA ASP A 420 19.41 -30.34 -15.02
C ASP A 420 19.55 -30.35 -13.51
N ASP A 421 19.51 -29.19 -12.86
CA ASP A 421 19.60 -29.21 -11.42
C ASP A 421 18.80 -28.11 -10.68
N GLU A 422 18.69 -28.35 -9.38
CA GLU A 422 17.81 -27.58 -8.54
C GLU A 422 18.21 -26.10 -8.44
N ALA A 423 19.48 -25.81 -8.20
CA ALA A 423 19.89 -24.41 -8.07
C ALA A 423 19.62 -23.63 -9.37
N GLU A 424 19.81 -24.34 -10.50
CA GLU A 424 19.58 -23.82 -11.82
C GLU A 424 18.14 -23.43 -12.08
N VAL A 425 17.21 -24.34 -11.81
CA VAL A 425 15.82 -24.04 -12.18
C VAL A 425 15.24 -22.95 -11.26
N VAL A 426 15.70 -22.89 -10.01
CA VAL A 426 15.27 -21.81 -9.12
C VAL A 426 15.65 -20.45 -9.76
N LYS A 427 16.88 -20.34 -10.25
CA LYS A 427 17.33 -19.11 -10.92
C LYS A 427 16.51 -18.82 -12.15
N ARG A 428 16.19 -19.85 -12.93
CA ARG A 428 15.42 -19.61 -14.18
C ARG A 428 13.97 -19.15 -13.88
N VAL A 429 13.38 -19.75 -12.87
CA VAL A 429 12.04 -19.32 -12.45
C VAL A 429 12.10 -17.85 -12.02
N ASN A 430 13.10 -17.47 -11.21
CA ASN A 430 13.15 -16.09 -10.66
C ASN A 430 13.66 -15.03 -11.64
N ASP A 431 14.23 -15.48 -12.75
CA ASP A 431 14.62 -14.55 -13.81
C ASP A 431 13.39 -14.01 -14.60
N SER A 432 12.74 -13.02 -13.99
CA SER A 432 11.49 -12.47 -14.48
C SER A 432 11.24 -11.11 -13.78
N ALA A 433 10.70 -10.15 -14.54
CA ALA A 433 10.28 -8.87 -13.97
C ALA A 433 8.89 -9.03 -13.29
N TYR A 434 8.26 -10.18 -13.51
CA TYR A 434 7.00 -10.53 -12.85
C TYR A 434 7.29 -11.42 -11.64
N GLY A 435 6.30 -11.65 -10.77
CA GLY A 435 6.48 -12.55 -9.64
C GLY A 435 5.12 -12.80 -9.01
N LEU A 436 4.20 -13.33 -9.82
CA LEU A 436 2.84 -13.59 -9.34
C LEU A 436 2.75 -14.96 -8.67
N ALA A 437 2.89 -16.04 -9.43
CA ALA A 437 2.71 -17.37 -8.82
C ALA A 437 3.63 -18.45 -9.45
N ALA A 438 3.74 -19.61 -8.78
CA ALA A 438 4.48 -20.72 -9.36
C ALA A 438 3.92 -22.04 -8.85
N SER A 439 4.10 -23.13 -9.59
CA SER A 439 3.77 -24.45 -9.01
C SER A 439 4.93 -25.41 -9.25
N ILE A 440 5.16 -26.28 -8.26
CA ILE A 440 6.28 -27.21 -8.19
C ILE A 440 5.69 -28.59 -7.99
N TRP A 441 6.18 -29.57 -8.77
CA TRP A 441 5.73 -30.95 -8.70
C TRP A 441 6.90 -31.81 -8.25
N THR A 442 6.77 -32.39 -7.05
CA THR A 442 7.79 -33.29 -6.49
C THR A 442 7.16 -34.16 -5.41
N THR A 443 7.67 -35.38 -5.22
CA THR A 443 7.23 -36.17 -4.07
C THR A 443 8.20 -36.05 -2.88
N GLN A 444 9.27 -35.27 -3.01
CA GLN A 444 10.27 -35.24 -1.94
CA GLN A 444 10.31 -35.21 -1.98
C GLN A 444 10.02 -34.14 -0.91
N LEU A 445 10.02 -34.56 0.35
CA LEU A 445 9.73 -33.68 1.49
C LEU A 445 10.64 -32.45 1.57
N ALA A 446 11.95 -32.69 1.66
CA ALA A 446 12.91 -31.60 1.81
C ALA A 446 12.88 -30.67 0.58
N ARG A 447 12.92 -31.28 -0.60
CA ARG A 447 12.91 -30.52 -1.82
C ARG A 447 11.69 -29.57 -1.97
N GLY A 448 10.50 -30.08 -1.68
CA GLY A 448 9.26 -29.31 -1.82
C GLY A 448 9.34 -28.01 -1.05
N HIS A 449 9.74 -28.11 0.22
CA HIS A 449 9.82 -26.93 1.10
C HIS A 449 11.02 -26.02 0.79
N ARG A 450 12.19 -26.60 0.51
CA ARG A 450 13.37 -25.74 0.31
C ARG A 450 13.33 -24.99 -1.03
N VAL A 451 12.73 -25.61 -2.05
CA VAL A 451 12.59 -24.92 -3.34
C VAL A 451 11.50 -23.83 -3.25
N ALA A 452 10.35 -24.17 -2.67
CA ALA A 452 9.21 -23.25 -2.59
C ALA A 452 9.60 -21.96 -1.90
N LYS A 453 10.47 -22.04 -0.90
CA LYS A 453 10.84 -20.88 -0.07
C LYS A 453 11.75 -19.88 -0.83
N GLN A 454 12.38 -20.35 -1.91
CA GLN A 454 13.28 -19.51 -2.71
C GLN A 454 12.56 -18.82 -3.85
N ILE A 455 11.33 -19.22 -4.15
CA ILE A 455 10.66 -18.68 -5.35
C ILE A 455 10.13 -17.26 -5.06
N GLU A 456 10.45 -16.32 -5.95
CA GLU A 456 10.12 -14.91 -5.71
C GLU A 456 8.74 -14.58 -6.26
N THR A 457 7.70 -15.18 -5.69
CA THR A 457 6.33 -14.96 -6.15
C THR A 457 5.43 -14.73 -4.93
N GLY A 458 4.18 -14.37 -5.17
CA GLY A 458 3.25 -14.11 -4.08
C GLY A 458 2.68 -15.41 -3.57
N ILE A 459 2.63 -16.42 -4.45
CA ILE A 459 2.06 -17.73 -4.12
C ILE A 459 2.93 -18.84 -4.69
N VAL A 460 3.13 -19.93 -3.95
CA VAL A 460 3.79 -21.12 -4.54
C VAL A 460 2.94 -22.35 -4.20
N TRP A 461 2.44 -23.08 -5.21
CA TRP A 461 1.74 -24.35 -4.98
C TRP A 461 2.71 -25.56 -5.14
N VAL A 462 2.55 -26.58 -4.27
CA VAL A 462 3.35 -27.80 -4.38
C VAL A 462 2.36 -28.95 -4.64
N ASN A 463 2.48 -29.56 -5.83
CA ASN A 463 1.56 -30.58 -6.26
C ASN A 463 0.10 -30.11 -6.33
N ALA A 464 -0.10 -28.86 -6.76
CA ALA A 464 -1.41 -28.29 -6.87
C ALA A 464 -1.32 -27.03 -7.77
N TRP A 465 -2.45 -26.41 -8.04
CA TRP A 465 -2.51 -25.16 -8.77
C TRP A 465 -3.88 -24.50 -8.52
N PHE A 466 -3.87 -23.20 -8.30
CA PHE A 466 -5.09 -22.38 -8.17
C PHE A 466 -6.02 -22.97 -7.08
N VAL A 467 -5.42 -23.29 -5.93
CA VAL A 467 -6.15 -23.63 -4.70
C VAL A 467 -6.13 -22.41 -3.82
N ARG A 468 -7.31 -21.84 -3.63
CA ARG A 468 -7.42 -20.54 -3.01
C ARG A 468 -8.17 -20.58 -1.69
N ASP A 469 -7.41 -20.64 -0.59
CA ASP A 469 -7.99 -20.46 0.73
C ASP A 469 -8.12 -18.97 0.95
N LEU A 470 -9.37 -18.47 1.07
CA LEU A 470 -9.61 -17.03 1.08
C LEU A 470 -9.10 -16.30 2.36
N ARG A 471 -8.57 -17.07 3.32
CA ARG A 471 -7.95 -16.46 4.52
C ARG A 471 -6.47 -16.11 4.35
N THR A 472 -5.84 -16.66 3.30
CA THR A 472 -4.39 -16.51 3.10
C THR A 472 -4.05 -15.19 2.31
N PRO A 473 -2.82 -14.66 2.49
CA PRO A 473 -2.44 -13.46 1.70
C PRO A 473 -2.23 -13.81 0.22
N PHE A 474 -2.98 -13.09 -0.62
CA PHE A 474 -2.93 -13.31 -2.05
C PHE A 474 -2.46 -12.01 -2.75
N GLY A 475 -1.44 -12.10 -3.59
CA GLY A 475 -0.99 -10.95 -4.33
C GLY A 475 0.31 -11.28 -5.05
N GLY A 476 0.93 -10.29 -5.69
CA GLY A 476 2.18 -10.52 -6.40
C GLY A 476 3.34 -9.63 -5.91
N THR A 477 4.54 -10.03 -6.34
CA THR A 477 5.78 -9.30 -6.10
C THR A 477 6.24 -8.59 -7.39
N LYS A 478 7.21 -7.68 -7.26
CA LYS A 478 7.81 -7.04 -8.45
C LYS A 478 6.69 -6.37 -9.27
N LEU A 479 6.68 -6.55 -10.60
CA LEU A 479 5.63 -5.98 -11.45
C LEU A 479 4.21 -6.57 -11.28
N SER A 480 4.08 -7.67 -10.53
CA SER A 480 2.81 -8.43 -10.48
C SER A 480 1.79 -7.91 -9.45
N GLY A 481 2.16 -6.87 -8.71
CA GLY A 481 1.22 -6.34 -7.74
C GLY A 481 1.75 -5.39 -6.67
N LEU A 482 0.79 -4.91 -5.87
CA LEU A 482 1.03 -4.01 -4.76
C LEU A 482 0.04 -4.45 -3.70
N GLY A 483 0.51 -4.71 -2.47
CA GLY A 483 -0.35 -5.14 -1.38
C GLY A 483 -0.76 -6.61 -1.43
N ARG A 484 -1.49 -7.03 -0.40
CA ARG A 484 -2.06 -8.35 -0.30
C ARG A 484 -3.54 -8.20 0.04
N GLU A 485 -4.36 -9.13 -0.47
CA GLU A 485 -5.75 -9.24 -0.03
C GLU A 485 -5.95 -10.68 0.46
N GLY A 486 -7.06 -10.93 1.14
CA GLY A 486 -7.30 -12.22 1.81
C GLY A 486 -7.20 -12.09 3.32
N GLY A 487 -8.15 -12.67 4.05
CA GLY A 487 -8.08 -12.63 5.50
C GLY A 487 -7.89 -11.24 6.09
N ARG A 488 -7.04 -11.14 7.12
CA ARG A 488 -6.76 -9.85 7.78
C ARG A 488 -6.19 -8.79 6.81
N HIS A 489 -5.55 -9.23 5.71
CA HIS A 489 -5.00 -8.30 4.72
C HIS A 489 -6.13 -7.48 4.03
N SER A 490 -7.27 -8.15 3.77
CA SER A 490 -8.45 -7.46 3.24
C SER A 490 -9.11 -6.59 4.34
N LEU A 491 -9.20 -7.15 5.55
CA LEU A 491 -9.73 -6.40 6.67
C LEU A 491 -8.96 -5.05 6.84
N ASP A 492 -7.62 -5.10 6.76
CA ASP A 492 -6.80 -3.92 6.95
C ASP A 492 -6.83 -3.02 5.72
N PHE A 493 -6.83 -3.60 4.52
CA PHE A 493 -6.77 -2.72 3.36
C PHE A 493 -8.04 -1.87 3.22
N TYR A 494 -9.20 -2.49 3.36
CA TYR A 494 -10.45 -1.79 3.16
C TYR A 494 -10.90 -0.97 4.39
N SER A 495 -10.00 -0.78 5.36
CA SER A 495 -10.24 0.04 6.56
C SER A 495 -9.14 1.06 6.82
N GLU A 496 -9.49 2.17 7.48
CA GLU A 496 -8.43 3.00 8.09
C GLU A 496 -8.23 2.50 9.53
N LEU A 497 -6.99 2.16 9.88
CA LEU A 497 -6.62 1.81 11.26
C LEU A 497 -6.43 3.09 12.05
N THR A 498 -7.01 3.15 13.24
CA THR A 498 -6.72 4.25 14.14
C THR A 498 -6.23 3.68 15.46
N ASN A 499 -5.07 4.12 15.90
CA ASN A 499 -4.60 3.81 17.24
C ASN A 499 -5.13 4.89 18.21
N VAL A 500 -5.97 4.48 19.16
CA VAL A 500 -6.51 5.37 20.18
C VAL A 500 -5.69 5.16 21.47
N CYS A 501 -5.04 6.23 21.92
CA CYS A 501 -4.10 6.21 23.02
C CYS A 501 -4.62 7.07 24.17
N VAL A 502 -4.96 6.42 25.30
CA VAL A 502 -5.67 7.07 26.38
C VAL A 502 -4.82 7.08 27.66
N ARG A 503 -4.54 8.27 28.20
CA ARG A 503 -3.78 8.34 29.45
C ARG A 503 -4.68 7.89 30.59
N ILE A 504 -4.22 7.02 31.49
CA ILE A 504 -5.10 6.62 32.59
C ILE A 504 -4.45 6.92 33.96
N ALA A 505 -3.17 7.28 33.94
CA ALA A 505 -2.43 7.59 35.16
C ALA A 505 -1.19 8.40 34.81
N GLN B 22 35.28 20.55 8.19
CA GLN B 22 34.53 19.29 8.15
C GLN B 22 33.88 19.09 6.78
N LEU B 23 34.04 17.90 6.22
CA LEU B 23 33.35 17.54 4.98
C LEU B 23 32.50 16.28 5.19
N LEU B 24 31.22 16.39 4.87
CA LEU B 24 30.31 15.28 5.00
C LEU B 24 30.22 14.48 3.68
N ARG B 25 30.72 13.25 3.76
CA ARG B 25 30.83 12.39 2.57
C ARG B 25 29.73 11.36 2.45
N HIS B 26 29.52 10.87 1.23
CA HIS B 26 28.63 9.73 0.98
C HIS B 26 29.23 8.46 1.62
N TYR B 27 28.43 7.43 1.84
CA TYR B 27 28.95 6.16 2.31
C TYR B 27 28.42 5.07 1.40
N ILE B 28 29.30 4.51 0.58
CA ILE B 28 28.90 3.59 -0.47
C ILE B 28 29.75 2.33 -0.47
N ASN B 29 29.12 1.17 -0.35
CA ASN B 29 29.86 -0.15 -0.36
C ASN B 29 31.00 -0.23 0.66
N GLY B 30 30.77 0.23 1.89
CA GLY B 30 31.72 0.09 2.97
C GLY B 30 32.83 1.12 3.10
N GLU B 31 32.74 2.21 2.35
CA GLU B 31 33.76 3.26 2.46
CA GLU B 31 33.76 3.25 2.43
C GLU B 31 33.14 4.64 2.22
N PHE B 32 33.70 5.65 2.87
CA PHE B 32 33.26 7.01 2.61
C PHE B 32 33.81 7.47 1.29
N VAL B 33 33.01 8.27 0.57
CA VAL B 33 33.34 8.69 -0.77
C VAL B 33 33.01 10.16 -0.95
N ALA B 34 33.99 10.94 -1.42
CA ALA B 34 33.75 12.34 -1.80
C ALA B 34 33.13 12.36 -3.21
N SER B 35 32.59 13.48 -3.61
CA SER B 35 31.98 13.50 -4.93
C SER B 35 32.20 14.81 -5.60
N GLY B 36 31.18 15.15 -6.38
CA GLY B 36 31.27 16.27 -7.29
C GLY B 36 31.10 17.53 -6.48
N THR B 37 30.25 18.42 -6.94
CA THR B 37 30.01 19.64 -6.22
C THR B 37 29.67 19.44 -4.75
N THR B 38 29.82 20.50 -3.97
CA THR B 38 29.46 20.47 -2.57
C THR B 38 28.58 21.67 -2.28
N PHE B 39 27.90 21.65 -1.14
CA PHE B 39 27.10 22.76 -0.72
C PHE B 39 27.28 22.96 0.77
N PRO B 40 27.07 24.19 1.26
CA PRO B 40 27.32 24.44 2.68
C PRO B 40 26.16 24.00 3.60
N ASN B 41 26.51 23.51 4.80
CA ASN B 41 25.53 23.23 5.86
C ASN B 41 25.56 24.43 6.78
N LEU B 42 24.44 25.16 6.87
CA LEU B 42 24.38 26.42 7.62
C LEU B 42 23.50 26.33 8.83
N SER B 43 23.93 26.97 9.91
CA SER B 43 23.17 26.95 11.14
C SER B 43 21.88 27.77 11.04
N PRO B 44 20.76 27.20 11.56
CA PRO B 44 19.49 27.93 11.63
C PRO B 44 19.47 28.88 12.82
N VAL B 45 20.52 28.80 13.66
CA VAL B 45 20.60 29.66 14.84
C VAL B 45 21.31 30.98 14.54
N ASP B 46 22.44 30.90 13.86
CA ASP B 46 23.19 32.12 13.57
C ASP B 46 23.72 32.18 12.13
N GLY B 47 23.32 31.25 11.27
CA GLY B 47 23.72 31.30 9.87
C GLY B 47 25.16 30.88 9.59
N ARG B 48 25.92 30.51 10.61
CA ARG B 48 27.34 30.18 10.41
C ARG B 48 27.50 28.89 9.60
N LYS B 49 28.59 28.77 8.84
CA LYS B 49 28.85 27.56 8.09
C LYS B 49 29.34 26.45 9.00
N LEU B 50 28.68 25.29 8.95
CA LEU B 50 29.00 24.16 9.82
C LEU B 50 29.89 23.16 9.08
N ALA B 51 29.70 23.10 7.76
CA ALA B 51 30.40 22.13 6.93
C ALA B 51 30.06 22.26 5.46
N ASP B 52 30.86 21.61 4.64
CA ASP B 52 30.47 21.35 3.27
C ASP B 52 29.88 19.93 3.17
N VAL B 53 28.93 19.76 2.27
CA VAL B 53 28.24 18.51 2.06
C VAL B 53 28.40 18.07 0.60
N CYS B 54 28.80 16.82 0.36
CA CYS B 54 28.94 16.32 -1.01
C CYS B 54 27.59 16.14 -1.68
N GLU B 55 27.54 16.30 -3.00
CA GLU B 55 26.29 16.21 -3.73
C GLU B 55 26.32 15.05 -4.73
N ALA B 56 25.44 14.07 -4.55
CA ALA B 56 25.47 12.88 -5.39
C ALA B 56 24.77 13.04 -6.75
N ASP B 57 25.50 12.85 -7.85
CA ASP B 57 24.86 12.85 -9.17
C ASP B 57 24.27 11.46 -9.53
N ALA B 58 23.59 11.36 -10.66
CA ALA B 58 22.84 10.13 -10.95
C ALA B 58 23.75 8.89 -11.03
N ALA B 59 24.96 9.08 -11.53
CA ALA B 59 25.92 7.98 -11.64
C ALA B 59 26.29 7.49 -10.25
N LEU B 60 26.48 8.43 -9.32
CA LEU B 60 26.78 8.06 -7.96
C LEU B 60 25.59 7.37 -7.27
N VAL B 61 24.38 7.91 -7.45
CA VAL B 61 23.21 7.21 -6.92
C VAL B 61 23.15 5.76 -7.47
N ASP B 62 23.43 5.61 -8.76
CA ASP B 62 23.37 4.29 -9.39
C ASP B 62 24.43 3.36 -8.78
N SER B 63 25.61 3.92 -8.52
CA SER B 63 26.68 3.26 -7.81
C SER B 63 26.21 2.63 -6.50
N ALA B 64 25.45 3.40 -5.73
CA ALA B 64 24.98 2.94 -4.44
C ALA B 64 23.96 1.82 -4.59
N VAL B 65 23.06 1.98 -5.56
CA VAL B 65 22.02 0.99 -5.77
C VAL B 65 22.64 -0.35 -6.21
N GLN B 66 23.69 -0.24 -7.01
CA GLN B 66 24.38 -1.45 -7.44
C GLN B 66 25.10 -2.10 -6.27
N ALA B 67 25.69 -1.29 -5.40
CA ALA B 67 26.37 -1.87 -4.24
C ALA B 67 25.38 -2.63 -3.34
N ALA B 68 24.20 -2.05 -3.18
CA ALA B 68 23.16 -2.66 -2.35
C ALA B 68 22.65 -3.96 -2.97
N HIS B 69 22.43 -3.96 -4.29
CA HIS B 69 21.98 -5.19 -4.96
C HIS B 69 22.97 -6.33 -4.82
N ALA B 70 24.25 -6.01 -4.97
CA ALA B 70 25.30 -7.01 -4.79
C ALA B 70 25.36 -7.52 -3.35
N ALA B 71 25.16 -6.63 -2.38
CA ALA B 71 25.29 -7.07 -1.01
C ALA B 71 24.15 -8.05 -0.66
N GLN B 72 22.98 -7.84 -1.26
CA GLN B 72 21.88 -8.81 -1.19
C GLN B 72 22.37 -10.20 -1.55
N LYS B 73 22.98 -10.32 -2.73
CA LYS B 73 23.38 -11.61 -3.27
C LYS B 73 24.63 -12.16 -2.57
N ALA B 74 25.47 -11.28 -2.02
CA ALA B 74 26.70 -11.70 -1.34
C ALA B 74 26.43 -12.27 0.05
N GLY B 75 25.19 -12.29 0.47
CA GLY B 75 24.84 -13.06 1.64
C GLY B 75 23.97 -12.38 2.68
N TRP B 76 23.78 -11.08 2.54
CA TRP B 76 22.94 -10.40 3.49
C TRP B 76 21.48 -10.91 3.41
N ARG B 77 21.02 -11.28 2.21
CA ARG B 77 19.64 -11.77 2.04
C ARG B 77 19.40 -13.04 2.86
N ASP B 78 20.47 -13.79 3.10
CA ASP B 78 20.41 -15.07 3.81
C ASP B 78 20.77 -15.06 5.29
N THR B 79 21.00 -13.90 5.87
CA THR B 79 21.17 -13.84 7.31
C THR B 79 19.87 -14.32 7.95
N THR B 80 19.97 -14.86 9.16
CA THR B 80 18.82 -15.25 9.92
C THR B 80 18.27 -14.03 10.68
N PRO B 81 17.01 -14.11 11.16
CA PRO B 81 16.50 -13.06 12.05
C PRO B 81 17.41 -12.88 13.30
N ALA B 82 17.93 -13.97 13.87
CA ALA B 82 18.84 -13.80 14.99
C ALA B 82 20.09 -12.99 14.60
N GLN B 83 20.69 -13.29 13.45
CA GLN B 83 21.88 -12.53 12.99
C GLN B 83 21.55 -11.06 12.75
N ARG B 84 20.41 -10.81 12.14
CA ARG B 84 20.02 -9.41 11.91
C ARG B 84 19.79 -8.65 13.21
N ALA B 85 19.11 -9.29 14.16
CA ALA B 85 18.84 -8.63 15.44
C ALA B 85 20.15 -8.29 16.16
N ALA B 86 21.13 -9.20 16.08
CA ALA B 86 22.43 -8.95 16.68
C ALA B 86 23.11 -7.76 16.04
N TRP B 87 23.03 -7.64 14.71
CA TRP B 87 23.57 -6.45 14.04
C TRP B 87 22.88 -5.14 14.50
N LEU B 88 21.55 -5.16 14.57
CA LEU B 88 20.84 -3.95 14.97
CA LEU B 88 20.78 -4.01 15.01
C LEU B 88 21.21 -3.58 16.42
N HIS B 89 21.46 -4.58 17.28
CA HIS B 89 21.86 -4.22 18.64
C HIS B 89 23.29 -3.67 18.71
N LYS B 90 24.18 -4.17 17.87
CA LYS B 90 25.53 -3.60 17.73
C LYS B 90 25.46 -2.16 17.27
N ILE B 91 24.57 -1.88 16.31
CA ILE B 91 24.42 -0.51 15.83
C ILE B 91 23.90 0.38 16.95
N ALA B 92 22.86 -0.07 17.63
CA ALA B 92 22.34 0.69 18.78
C ALA B 92 23.42 0.94 19.84
N ASP B 93 24.26 -0.08 20.15
CA ASP B 93 25.37 0.10 21.11
C ASP B 93 26.34 1.16 20.62
N GLY B 94 26.58 1.12 19.30
CA GLY B 94 27.51 2.03 18.67
C GLY B 94 27.05 3.46 18.73
N ILE B 95 25.74 3.69 18.68
CA ILE B 95 25.22 5.05 18.79
C ILE B 95 25.39 5.52 20.25
N GLU B 96 24.96 4.69 21.21
CA GLU B 96 25.11 5.02 22.63
C GLU B 96 26.55 5.39 22.98
N ALA B 97 27.53 4.66 22.44
CA ALA B 97 28.92 4.93 22.78
C ALA B 97 29.33 6.31 22.31
N ARG B 98 28.59 6.89 21.37
CA ARG B 98 28.93 8.23 20.90
C ARG B 98 27.76 9.18 21.15
N PHE B 99 27.03 8.93 22.23
CA PHE B 99 25.74 9.60 22.45
C PHE B 99 25.86 11.13 22.36
N ASP B 100 26.85 11.70 23.05
CA ASP B 100 27.06 13.15 23.05
C ASP B 100 27.47 13.71 21.69
N GLU B 101 28.26 12.96 20.94
CA GLU B 101 28.55 13.40 19.58
C GLU B 101 27.25 13.50 18.78
N PHE B 102 26.36 12.51 18.91
CA PHE B 102 25.12 12.50 18.16
C PHE B 102 24.20 13.67 18.54
N VAL B 103 24.11 13.94 19.84
CA VAL B 103 23.37 15.09 20.34
C VAL B 103 23.90 16.39 19.76
N ALA B 104 25.21 16.57 19.80
CA ALA B 104 25.75 17.84 19.36
C ALA B 104 25.51 18.04 17.86
N ALA B 105 25.60 16.95 17.08
CA ALA B 105 25.38 17.02 15.65
C ALA B 105 23.94 17.41 15.33
N GLU B 106 22.99 16.80 16.04
CA GLU B 106 21.58 17.04 15.82
C GLU B 106 21.20 18.49 16.19
N VAL B 107 21.68 18.94 17.35
CA VAL B 107 21.49 20.32 17.79
C VAL B 107 22.07 21.33 16.79
N ALA B 108 23.27 21.05 16.27
CA ALA B 108 23.91 21.98 15.36
C ALA B 108 23.09 22.13 14.06
N ASP B 109 22.58 21.01 13.55
CA ASP B 109 21.79 21.02 12.31
C ASP B 109 20.45 21.72 12.44
N THR B 110 19.77 21.48 13.56
CA THR B 110 18.39 21.89 13.72
C THR B 110 18.11 23.07 14.67
N GLY B 111 19.06 23.40 15.54
CA GLY B 111 18.86 24.42 16.56
C GLY B 111 17.98 23.99 17.71
N ARG B 112 17.63 22.70 17.74
CA ARG B 112 16.72 22.23 18.78
CA ARG B 112 16.76 22.14 18.77
C ARG B 112 17.36 22.29 20.18
N PRO B 113 16.56 22.69 21.17
CA PRO B 113 17.10 22.72 22.55
C PRO B 113 17.77 21.40 22.97
N VAL B 114 18.92 21.51 23.66
CA VAL B 114 19.74 20.34 24.02
C VAL B 114 18.96 19.29 24.79
N ALA B 115 18.19 19.73 25.79
CA ALA B 115 17.50 18.74 26.62
C ALA B 115 16.53 17.88 25.79
N GLN B 116 15.95 18.50 24.77
CA GLN B 116 14.95 17.83 23.95
C GLN B 116 15.66 16.91 22.96
N ALA B 117 16.83 17.35 22.49
CA ALA B 117 17.62 16.52 21.58
C ALA B 117 18.09 15.24 22.28
N ARG B 118 18.42 15.34 23.57
CA ARG B 118 18.87 14.17 24.31
C ARG B 118 17.75 13.16 24.50
N THR B 119 16.60 13.61 24.98
CA THR B 119 15.54 12.67 25.38
C THR B 119 14.56 12.31 24.26
N LEU B 120 14.31 13.19 23.30
CA LEU B 120 13.41 12.79 22.22
C LEU B 120 14.18 12.31 20.99
N ASP B 121 15.19 13.04 20.54
CA ASP B 121 15.80 12.67 19.27
C ASP B 121 16.75 11.44 19.34
N ILE B 122 17.82 11.54 20.11
CA ILE B 122 18.87 10.53 20.03
C ILE B 122 18.44 9.27 20.75
N ALA B 123 17.74 9.43 21.86
CA ALA B 123 17.29 8.26 22.62
C ALA B 123 16.33 7.41 21.82
N ARG B 124 15.38 8.04 21.16
CA ARG B 124 14.40 7.31 20.37
C ARG B 124 15.01 6.76 19.08
N GLY B 125 16.03 7.43 18.56
CA GLY B 125 16.80 6.90 17.46
C GLY B 125 17.37 5.52 17.85
N ILE B 126 17.92 5.45 19.05
CA ILE B 126 18.52 4.27 19.56
C ILE B 126 17.46 3.19 19.82
N ALA B 127 16.34 3.60 20.41
CA ALA B 127 15.27 2.68 20.73
C ALA B 127 14.67 2.06 19.47
N ASN B 128 14.67 2.78 18.36
CA ASN B 128 14.18 2.20 17.11
C ASN B 128 14.92 0.91 16.73
N PHE B 129 16.25 0.92 16.85
CA PHE B 129 17.03 -0.26 16.51
C PHE B 129 16.71 -1.41 17.44
N ARG B 130 16.61 -1.14 18.75
CA ARG B 130 16.40 -2.24 19.68
C ARG B 130 15.01 -2.82 19.52
N THR B 131 14.04 -1.97 19.24
CA THR B 131 12.65 -2.40 19.08
C THR B 131 12.47 -3.38 17.92
N PHE B 132 12.97 -3.01 16.74
CA PHE B 132 12.85 -3.91 15.59
C PHE B 132 13.74 -5.12 15.70
N ALA B 133 14.85 -5.03 16.42
CA ALA B 133 15.66 -6.20 16.77
C ALA B 133 14.84 -7.20 17.59
N ASP B 134 14.19 -6.72 18.65
CA ASP B 134 13.35 -7.61 19.42
C ASP B 134 12.14 -8.17 18.60
N LEU B 135 11.52 -7.34 17.81
CA LEU B 135 10.38 -7.82 17.02
CA LEU B 135 10.41 -7.76 16.96
C LEU B 135 10.75 -8.90 15.99
N VAL B 136 11.90 -8.80 15.30
CA VAL B 136 12.18 -9.86 14.30
C VAL B 136 12.64 -11.16 14.93
N ARG B 137 13.15 -11.09 16.16
CA ARG B 137 13.47 -12.30 16.92
C ARG B 137 12.21 -13.05 17.40
N THR B 138 11.15 -12.32 17.75
CA THR B 138 9.97 -12.98 18.27
C THR B 138 8.93 -13.21 17.18
N ALA B 139 9.07 -12.55 16.03
CA ALA B 139 8.04 -12.60 15.00
C ALA B 139 7.73 -14.02 14.54
N SER B 140 6.45 -14.34 14.37
CA SER B 140 6.08 -15.62 13.70
C SER B 140 5.13 -15.39 12.51
N GLY B 141 4.57 -16.50 12.01
CA GLY B 141 3.83 -16.50 10.76
C GLY B 141 2.50 -17.23 10.87
N GLU B 142 1.72 -17.20 9.80
CA GLU B 142 0.37 -17.75 9.83
C GLU B 142 0.40 -19.14 9.18
N TYR B 143 -0.44 -20.04 9.69
CA TYR B 143 -0.61 -21.40 9.13
C TYR B 143 -2.09 -21.69 9.01
N PHE B 144 -2.51 -22.23 7.87
CA PHE B 144 -3.93 -22.49 7.59
C PHE B 144 -4.04 -23.88 7.00
N GLU B 145 -5.03 -24.66 7.39
CA GLU B 145 -5.27 -25.95 6.75
C GLU B 145 -6.47 -25.80 5.83
N THR B 146 -6.37 -26.39 4.64
CA THR B 146 -7.45 -26.31 3.65
C THR B 146 -8.01 -27.67 3.35
N HIS B 147 -9.32 -27.83 3.49
CA HIS B 147 -9.95 -29.08 3.12
C HIS B 147 -10.77 -28.85 1.86
N ALA B 148 -10.26 -29.27 0.72
CA ALA B 148 -10.89 -28.86 -0.53
C ALA B 148 -12.11 -29.72 -0.79
N ALA B 149 -13.02 -29.17 -1.60
CA ALA B 149 -14.27 -29.83 -1.98
C ALA B 149 -14.03 -31.25 -2.50
N ASP B 150 -12.96 -31.43 -3.27
CA ASP B 150 -12.67 -32.75 -3.88
C ASP B 150 -12.11 -33.75 -2.89
N GLY B 151 -12.08 -33.41 -1.60
CA GLY B 151 -11.59 -34.34 -0.59
C GLY B 151 -10.08 -34.23 -0.32
N SER B 152 -9.38 -33.40 -1.07
CA SER B 152 -7.94 -33.27 -0.86
C SER B 152 -7.62 -32.38 0.36
N GLU B 153 -6.39 -32.45 0.84
CA GLU B 153 -6.03 -31.67 2.02
C GLU B 153 -4.71 -30.95 1.76
N LEU B 154 -4.66 -29.68 2.14
CA LEU B 154 -3.47 -28.89 1.94
C LEU B 154 -3.10 -28.10 3.17
N ILE B 155 -1.82 -27.80 3.28
CA ILE B 155 -1.38 -26.84 4.29
C ILE B 155 -0.89 -25.59 3.62
N ASN B 156 -1.11 -24.46 4.30
CA ASN B 156 -0.60 -23.15 3.84
C ASN B 156 0.25 -22.57 4.90
N TYR B 157 1.41 -22.07 4.56
CA TYR B 157 2.09 -21.21 5.49
C TYR B 157 2.66 -20.01 4.75
N VAL B 158 2.79 -18.90 5.48
CA VAL B 158 3.21 -17.61 4.94
C VAL B 158 4.66 -17.29 5.31
N THR B 159 5.52 -17.18 4.32
CA THR B 159 6.91 -16.86 4.61
CA THR B 159 6.92 -16.88 4.54
C THR B 159 7.19 -15.43 4.14
N ARG B 160 8.33 -14.90 4.57
CA ARG B 160 8.73 -13.53 4.28
C ARG B 160 10.15 -13.53 3.75
N LYS B 161 10.39 -12.78 2.71
CA LYS B 161 11.75 -12.52 2.27
C LYS B 161 11.89 -11.01 2.08
N PRO B 162 13.12 -10.51 2.01
CA PRO B 162 13.27 -9.06 1.86
C PRO B 162 12.66 -8.55 0.53
N LEU B 163 12.11 -7.32 0.49
CA LEU B 163 11.85 -6.65 -0.80
C LEU B 163 13.10 -6.63 -1.65
N GLY B 164 14.23 -6.35 -1.02
CA GLY B 164 15.50 -6.27 -1.74
C GLY B 164 16.33 -5.05 -1.33
N VAL B 165 16.15 -3.94 -2.07
CA VAL B 165 16.84 -2.67 -1.82
C VAL B 165 15.83 -1.57 -1.52
N ILE B 166 15.92 -0.98 -0.34
CA ILE B 166 14.98 0.08 0.06
C ILE B 166 15.64 1.45 -0.11
N GLY B 167 14.94 2.35 -0.82
CA GLY B 167 15.39 3.71 -0.96
C GLY B 167 14.66 4.52 0.08
N ILE B 168 15.39 5.28 0.89
CA ILE B 168 14.83 5.99 2.04
C ILE B 168 15.14 7.48 1.87
N ILE B 169 14.10 8.30 1.83
CA ILE B 169 14.26 9.77 1.75
C ILE B 169 13.65 10.35 3.02
N SER B 170 14.48 10.96 3.85
CA SER B 170 14.01 11.29 5.19
C SER B 170 14.01 12.83 5.34
N PRO B 171 13.16 13.32 6.26
CA PRO B 171 12.81 14.75 6.38
C PRO B 171 13.76 15.48 7.33
N TRP B 172 13.65 16.79 7.41
CA TRP B 172 14.60 17.53 8.22
C TRP B 172 14.12 17.78 9.66
N ASN B 173 12.87 17.51 9.98
CA ASN B 173 12.36 18.03 11.26
C ASN B 173 12.79 17.23 12.49
N LEU B 174 12.83 15.91 12.37
CA LEU B 174 13.32 15.05 13.44
C LEU B 174 14.31 14.10 12.80
N PRO B 175 15.51 14.61 12.46
CA PRO B 175 16.38 13.92 11.49
C PRO B 175 16.82 12.52 11.91
N LEU B 176 17.48 12.33 13.05
CA LEU B 176 17.95 10.98 13.35
C LEU B 176 16.79 10.03 13.62
N LEU B 177 15.82 10.51 14.39
CA LEU B 177 14.63 9.74 14.73
C LEU B 177 13.87 9.18 13.52
N LEU B 178 13.53 10.04 12.57
CA LEU B 178 12.72 9.59 11.43
C LEU B 178 13.59 8.79 10.41
N PHE B 179 14.89 9.04 10.37
CA PHE B 179 15.83 8.25 9.57
C PHE B 179 15.91 6.80 10.12
N THR B 180 16.16 6.64 11.42
CA THR B 180 16.31 5.29 12.00
C THR B 180 14.99 4.55 12.02
N TRP B 181 13.89 5.31 12.10
CA TRP B 181 12.56 4.73 12.04
C TRP B 181 12.30 3.90 10.76
N LYS B 182 12.96 4.27 9.67
CA LYS B 182 12.89 3.50 8.40
C LYS B 182 14.10 2.57 8.21
N VAL B 183 15.29 3.03 8.59
CA VAL B 183 16.51 2.20 8.41
C VAL B 183 16.46 0.91 9.28
N ALA B 184 16.00 1.06 10.52
CA ALA B 184 16.01 -0.08 11.43
C ALA B 184 15.11 -1.20 10.92
N PRO B 185 13.82 -0.92 10.59
CA PRO B 185 13.05 -2.07 10.11
C PRO B 185 13.49 -2.61 8.75
N ALA B 186 13.94 -1.73 7.86
CA ALA B 186 14.40 -2.21 6.54
C ALA B 186 15.56 -3.23 6.69
N LEU B 187 16.54 -2.93 7.56
CA LEU B 187 17.65 -3.81 7.81
C LEU B 187 17.14 -5.04 8.58
N ALA B 188 16.16 -4.83 9.47
CA ALA B 188 15.67 -5.95 10.29
C ALA B 188 15.09 -7.07 9.41
N MET B 189 14.40 -6.68 8.34
CA MET B 189 13.79 -7.64 7.43
C MET B 189 14.74 -8.11 6.31
N GLY B 190 16.02 -7.79 6.42
CA GLY B 190 17.03 -8.38 5.54
C GLY B 190 17.21 -7.62 4.22
N ASN B 191 16.66 -6.41 4.12
CA ASN B 191 16.90 -5.56 2.95
C ASN B 191 18.24 -4.87 3.03
N CYS B 192 18.75 -4.44 1.88
CA CYS B 192 19.80 -3.41 1.85
C CYS B 192 19.15 -2.06 1.63
N VAL B 193 19.89 -1.00 1.90
CA VAL B 193 19.35 0.34 2.03
C VAL B 193 20.19 1.38 1.30
N VAL B 194 19.53 2.26 0.55
CA VAL B 194 20.22 3.43 0.03
C VAL B 194 19.41 4.60 0.58
N ALA B 195 20.07 5.39 1.42
CA ALA B 195 19.35 6.37 2.21
C ALA B 195 19.83 7.80 1.91
N LYS B 196 18.91 8.71 1.69
CA LYS B 196 19.28 10.12 1.40
C LYS B 196 18.62 11.04 2.42
N PRO B 197 19.42 11.55 3.36
CA PRO B 197 18.81 12.43 4.35
C PRO B 197 18.60 13.84 3.79
N SER B 198 17.83 14.67 4.50
CA SER B 198 17.53 16.02 4.06
C SER B 198 18.83 16.82 3.88
N GLU B 199 18.89 17.62 2.82
CA GLU B 199 20.04 18.47 2.61
C GLU B 199 20.20 19.44 3.78
N GLU B 200 19.12 19.78 4.50
CA GLU B 200 19.24 20.67 5.67
C GLU B 200 19.85 20.00 6.90
N THR B 201 19.75 18.66 7.00
CA THR B 201 20.17 17.97 8.21
C THR B 201 20.99 16.73 7.92
N PRO B 202 22.23 16.92 7.45
CA PRO B 202 23.07 15.78 7.02
C PRO B 202 23.88 15.13 8.12
N SER B 203 24.01 15.79 9.26
CA SER B 203 25.10 15.43 10.17
C SER B 203 24.90 14.15 10.97
N SER B 204 23.76 13.99 11.61
CA SER B 204 23.58 12.77 12.43
C SER B 204 23.51 11.51 11.57
N ALA B 205 22.94 11.62 10.35
CA ALA B 205 22.96 10.48 9.42
C ALA B 205 24.40 10.09 9.00
N THR B 206 25.27 11.09 8.84
CA THR B 206 26.66 10.78 8.49
C THR B 206 27.38 10.09 9.64
N LEU B 207 27.07 10.51 10.88
CA LEU B 207 27.59 9.82 12.06
C LEU B 207 27.07 8.38 12.14
N LEU B 208 25.80 8.19 11.81
CA LEU B 208 25.26 6.83 11.80
C LEU B 208 26.05 5.98 10.82
N ALA B 209 26.40 6.52 9.65
CA ALA B 209 27.27 5.78 8.73
C ALA B 209 28.60 5.41 9.38
N GLU B 210 29.19 6.34 10.15
CA GLU B 210 30.43 6.01 10.85
C GLU B 210 30.23 4.85 11.82
N VAL B 211 29.08 4.80 12.49
CA VAL B 211 28.81 3.65 13.35
C VAL B 211 28.73 2.35 12.54
N MET B 212 27.95 2.37 11.45
CA MET B 212 27.83 1.23 10.54
C MET B 212 29.20 0.69 10.15
N HIS B 213 30.08 1.62 9.78
CA HIS B 213 31.43 1.30 9.39
C HIS B 213 32.21 0.67 10.55
N ASP B 214 32.11 1.26 11.73
CA ASP B 214 32.90 0.80 12.88
C ASP B 214 32.48 -0.59 13.41
N VAL B 215 31.20 -0.94 13.29
CA VAL B 215 30.77 -2.28 13.70
C VAL B 215 31.00 -3.31 12.60
N GLY B 216 31.31 -2.85 11.39
CA GLY B 216 31.63 -3.78 10.31
C GLY B 216 30.46 -4.41 9.58
N LEU B 217 29.33 -3.70 9.48
CA LEU B 217 28.24 -4.18 8.63
C LEU B 217 28.77 -4.49 7.24
N PRO B 218 28.37 -5.62 6.67
CA PRO B 218 28.93 -6.01 5.37
C PRO B 218 28.78 -4.89 4.33
N PRO B 219 29.75 -4.76 3.45
CA PRO B 219 29.78 -3.62 2.52
C PRO B 219 28.59 -3.65 1.56
N GLY B 220 27.96 -2.48 1.37
CA GLY B 220 26.81 -2.38 0.50
C GLY B 220 25.46 -2.63 1.18
N VAL B 221 25.48 -3.12 2.41
CA VAL B 221 24.22 -3.35 3.11
C VAL B 221 23.56 -1.99 3.48
N PHE B 222 24.34 -1.01 3.95
CA PHE B 222 23.82 0.33 4.25
C PHE B 222 24.60 1.37 3.39
N ASN B 223 23.90 2.17 2.58
CA ASN B 223 24.57 3.18 1.75
C ASN B 223 23.93 4.55 2.01
N LEU B 224 24.76 5.56 2.24
CA LEU B 224 24.31 6.92 2.46
C LEU B 224 24.72 7.82 1.28
N ILE B 225 23.74 8.49 0.68
CA ILE B 225 24.03 9.46 -0.39
C ILE B 225 23.50 10.81 0.06
N HIS B 226 24.34 11.85 -0.08
CA HIS B 226 23.94 13.21 0.26
C HIS B 226 23.51 14.02 -0.98
N GLY B 227 22.66 15.03 -0.78
CA GLY B 227 22.28 15.90 -1.87
C GLY B 227 20.86 16.43 -1.73
N HIS B 228 20.39 17.14 -2.77
CA HIS B 228 19.08 17.74 -2.72
C HIS B 228 17.99 16.81 -3.25
N GLY B 229 16.78 17.34 -3.43
CA GLY B 229 15.66 16.49 -3.79
C GLY B 229 15.32 16.54 -5.29
N GLN B 230 14.41 17.44 -5.66
CA GLN B 230 13.97 17.59 -7.04
C GLN B 230 15.17 17.85 -7.90
N ASN B 231 15.19 17.21 -9.08
CA ASN B 231 16.29 17.24 -10.04
C ASN B 231 17.66 16.98 -9.45
N ALA B 232 17.69 16.24 -8.35
CA ALA B 232 18.94 15.98 -7.68
C ALA B 232 18.87 14.56 -7.09
N ALA B 233 19.79 14.23 -6.18
CA ALA B 233 19.88 12.88 -5.64
C ALA B 233 18.53 12.23 -5.22
N GLY B 234 17.64 12.97 -4.58
CA GLY B 234 16.38 12.37 -4.14
C GLY B 234 15.56 11.82 -5.29
N GLU B 235 15.44 12.65 -6.34
CA GLU B 235 14.70 12.26 -7.51
C GLU B 235 15.34 11.08 -8.20
N PHE B 236 16.67 11.14 -8.36
CA PHE B 236 17.41 10.08 -9.01
C PHE B 236 17.13 8.74 -8.33
N LEU B 237 17.12 8.77 -7.01
CA LEU B 237 16.89 7.57 -6.23
C LEU B 237 15.48 7.05 -6.52
N THR B 238 14.48 7.94 -6.56
CA THR B 238 13.10 7.48 -6.73
C THR B 238 12.88 6.91 -8.14
N ARG B 239 13.64 7.38 -9.14
CA ARG B 239 13.49 6.88 -10.51
C ARG B 239 14.38 5.67 -10.90
N HIS B 240 15.16 5.16 -9.95
CA HIS B 240 16.08 4.08 -10.32
C HIS B 240 15.31 2.77 -10.49
N PRO B 241 15.52 2.07 -11.61
CA PRO B 241 14.69 0.88 -11.88
C PRO B 241 15.00 -0.29 -10.96
N ASP B 242 16.12 -0.21 -10.26
CA ASP B 242 16.57 -1.33 -9.44
C ASP B 242 16.27 -1.17 -7.98
N ILE B 243 15.59 -0.11 -7.56
CA ILE B 243 15.17 -0.09 -6.16
C ILE B 243 13.91 -0.92 -6.04
N SER B 244 13.60 -1.42 -4.85
CA SER B 244 12.40 -2.23 -4.70
C SER B 244 11.22 -1.46 -4.12
N ALA B 245 11.51 -0.40 -3.37
CA ALA B 245 10.48 0.38 -2.71
C ALA B 245 11.07 1.72 -2.32
N ILE B 246 10.20 2.70 -2.07
CA ILE B 246 10.58 4.00 -1.51
C ILE B 246 9.81 4.29 -0.24
N THR B 247 10.51 4.71 0.81
CA THR B 247 9.85 5.16 2.02
C THR B 247 10.13 6.65 2.12
N PHE B 248 9.13 7.41 2.54
CA PHE B 248 9.26 8.86 2.54
C PHE B 248 8.45 9.47 3.69
N THR B 249 9.04 10.44 4.38
CA THR B 249 8.30 11.28 5.33
C THR B 249 8.54 12.72 4.92
N GLY B 250 7.48 13.49 4.74
CA GLY B 250 7.63 14.87 4.36
C GLY B 250 6.32 15.42 3.79
N GLU B 251 6.42 16.41 2.90
CA GLU B 251 5.22 17.10 2.42
C GLU B 251 4.32 16.21 1.55
N SER B 252 2.99 16.39 1.64
CA SER B 252 2.04 15.60 0.82
C SER B 252 2.27 15.78 -0.69
N ARG B 253 2.59 17.00 -1.14
CA ARG B 253 2.87 17.25 -2.58
C ARG B 253 4.05 16.42 -3.08
N THR B 254 5.06 16.28 -2.23
CA THR B 254 6.26 15.52 -2.60
C THR B 254 5.92 13.99 -2.61
N GLY B 255 5.06 13.58 -1.68
CA GLY B 255 4.51 12.23 -1.74
C GLY B 255 3.85 11.91 -3.08
N SER B 256 3.09 12.86 -3.61
CA SER B 256 2.39 12.63 -4.88
C SER B 256 3.43 12.49 -6.01
N THR B 257 4.45 13.35 -5.97
CA THR B 257 5.50 13.34 -7.02
C THR B 257 6.23 11.98 -7.02
N ILE B 258 6.57 11.51 -5.81
CA ILE B 258 7.27 10.21 -5.68
C ILE B 258 6.37 9.06 -6.17
N MET B 259 5.07 9.13 -5.82
CA MET B 259 4.12 8.08 -6.22
C MET B 259 4.07 7.93 -7.75
N LYS B 260 4.09 9.08 -8.44
CA LYS B 260 4.16 9.07 -9.91
C LYS B 260 5.51 8.52 -10.42
N ALA B 261 6.61 8.88 -9.73
CA ALA B 261 7.96 8.50 -10.21
C ALA B 261 8.22 6.99 -10.15
N VAL B 262 7.67 6.33 -9.11
CA VAL B 262 7.87 4.87 -8.97
C VAL B 262 6.84 4.02 -9.72
N ALA B 263 5.82 4.69 -10.28
CA ALA B 263 4.65 4.01 -10.90
C ALA B 263 4.95 2.97 -11.96
N ASP B 264 5.84 3.28 -12.93
CA ASP B 264 6.11 2.34 -14.01
C ASP B 264 6.75 1.03 -13.49
N GLY B 265 7.48 1.11 -12.39
CA GLY B 265 8.09 -0.08 -11.81
C GLY B 265 7.17 -0.70 -10.74
N VAL B 266 6.01 -0.07 -10.53
CA VAL B 266 5.05 -0.50 -9.49
C VAL B 266 5.81 -0.78 -8.19
N LYS B 267 6.66 0.16 -7.76
CA LYS B 267 7.44 -0.06 -6.54
C LYS B 267 6.54 0.11 -5.31
N GLU B 268 6.85 -0.62 -4.25
CA GLU B 268 6.18 -0.35 -2.97
C GLU B 268 6.45 1.07 -2.44
N VAL B 269 5.50 1.67 -1.71
CA VAL B 269 5.69 3.00 -1.13
C VAL B 269 5.16 3.06 0.29
N SER B 270 5.85 3.79 1.15
CA SER B 270 5.32 4.01 2.48
C SER B 270 5.50 5.49 2.76
N PHE B 271 4.37 6.17 3.01
CA PHE B 271 4.35 7.63 3.15
C PHE B 271 3.83 8.13 4.50
N GLU B 272 4.56 9.07 5.12
CA GLU B 272 4.07 9.79 6.28
C GLU B 272 4.14 11.27 5.91
N LEU B 273 2.97 11.88 5.70
CA LEU B 273 2.94 13.17 4.97
C LEU B 273 2.44 14.33 5.87
N GLY B 274 1.80 15.33 5.28
CA GLY B 274 1.41 16.50 6.07
C GLY B 274 0.19 16.29 6.92
N GLY B 275 -0.11 17.25 7.80
CA GLY B 275 -1.36 17.15 8.55
C GLY B 275 -1.86 18.55 8.86
N LYS B 276 -3.14 18.69 9.21
CA LYS B 276 -3.64 19.97 9.81
C LYS B 276 -4.43 19.53 11.06
N ASN B 277 -3.70 19.10 12.08
CA ASN B 277 -4.27 18.37 13.23
C ASN B 277 -5.02 19.29 14.20
N ALA B 278 -6.12 18.77 14.76
CA ALA B 278 -6.87 19.48 15.77
C ALA B 278 -6.57 18.96 17.18
N ALA B 279 -6.64 19.87 18.13
CA ALA B 279 -6.80 19.57 19.56
C ALA B 279 -8.18 20.07 20.01
N VAL B 280 -8.90 19.22 20.75
CA VAL B 280 -10.24 19.53 21.22
C VAL B 280 -10.22 19.57 22.78
N VAL B 281 -10.66 20.68 23.36
CA VAL B 281 -10.68 20.79 24.82
C VAL B 281 -12.14 20.98 25.25
N PHE B 282 -12.68 19.98 25.94
CA PHE B 282 -14.03 20.10 26.46
C PHE B 282 -14.03 20.89 27.79
N ALA B 283 -15.16 21.48 28.17
CA ALA B 283 -15.24 22.23 29.43
C ALA B 283 -14.96 21.33 30.66
N ASP B 284 -15.21 20.03 30.54
CA ASP B 284 -14.97 19.08 31.65
C ASP B 284 -13.52 18.60 31.73
N ALA B 285 -12.65 19.10 30.85
CA ALA B 285 -11.24 18.74 30.92
C ALA B 285 -10.58 19.26 32.21
N ASP B 286 -9.44 18.66 32.52
CA ASP B 286 -8.51 19.22 33.50
C ASP B 286 -7.89 20.46 32.86
N PHE B 287 -8.29 21.65 33.31
CA PHE B 287 -7.97 22.85 32.57
C PHE B 287 -6.48 23.11 32.51
N ASP B 288 -5.78 23.08 33.64
CA ASP B 288 -4.36 23.39 33.53
C ASP B 288 -3.56 22.32 32.75
N ALA B 289 -3.93 21.03 32.83
CA ALA B 289 -3.24 20.02 31.99
C ALA B 289 -3.51 20.25 30.47
N ALA B 290 -4.73 20.62 30.15
CA ALA B 290 -5.09 20.87 28.74
C ALA B 290 -4.40 22.10 28.16
N VAL B 291 -4.24 23.19 28.94
CA VAL B 291 -3.47 24.34 28.48
C VAL B 291 -2.00 23.94 28.27
N ALA B 292 -1.43 23.25 29.25
CA ALA B 292 -0.05 22.79 29.09
C ALA B 292 0.08 21.84 27.88
N GLY B 293 -0.91 20.98 27.72
CA GLY B 293 -0.92 19.95 26.65
C GLY B 293 -0.96 20.63 25.27
N VAL B 294 -1.79 21.67 25.13
CA VAL B 294 -1.93 22.39 23.85
C VAL B 294 -0.72 23.27 23.56
N LEU B 295 -0.09 23.84 24.60
CA LEU B 295 1.20 24.49 24.43
C LEU B 295 2.26 23.53 23.80
N ARG B 296 2.36 22.34 24.36
CA ARG B 296 3.25 21.31 23.88
C ARG B 296 2.87 20.92 22.45
N SER B 297 1.60 20.62 22.21
CA SER B 297 1.25 20.09 20.88
C SER B 297 1.32 21.19 19.79
N SER B 298 1.26 22.47 20.17
CA SER B 298 1.40 23.56 19.19
C SER B 298 2.83 24.00 18.90
N PHE B 299 3.70 23.99 19.93
CA PHE B 299 5.01 24.67 19.82
C PHE B 299 6.25 23.79 20.03
N THR B 300 6.07 22.50 20.30
CA THR B 300 7.23 21.58 20.33
C THR B 300 7.97 21.64 19.00
N ASN B 301 9.30 21.70 19.06
CA ASN B 301 10.15 21.75 17.87
C ASN B 301 9.78 22.94 16.99
N ALA B 302 9.35 24.03 17.64
CA ALA B 302 8.90 25.24 16.98
C ALA B 302 7.78 24.97 16.00
N GLY B 303 6.91 24.02 16.38
CA GLY B 303 5.74 23.63 15.61
C GLY B 303 6.02 22.84 14.33
N GLN B 304 7.27 22.38 14.18
CA GLN B 304 7.74 21.66 12.99
C GLN B 304 7.67 20.15 13.21
N VAL B 305 6.50 19.69 13.59
CA VAL B 305 6.28 18.22 13.70
C VAL B 305 5.00 17.98 12.96
N CYS B 306 4.95 16.92 12.17
CA CYS B 306 3.77 16.66 11.40
C CYS B 306 2.59 16.45 12.35
N LEU B 307 2.86 16.04 13.59
CA LEU B 307 1.79 15.77 14.57
C LEU B 307 1.26 17.02 15.33
N CYS B 308 1.88 18.16 15.10
CA CYS B 308 1.49 19.37 15.85
C CYS B 308 0.04 19.81 15.62
N SER B 309 -0.56 20.41 16.64
CA SER B 309 -1.92 20.91 16.54
C SER B 309 -1.94 22.39 16.00
N GLU B 310 -2.34 22.61 14.77
CA GLU B 310 -2.48 24.00 14.29
C GLU B 310 -3.92 24.52 14.38
N ARG B 311 -4.88 23.62 14.66
CA ARG B 311 -6.29 24.02 14.94
C ARG B 311 -6.61 23.58 16.36
N VAL B 312 -7.25 24.43 17.16
CA VAL B 312 -7.74 24.08 18.48
C VAL B 312 -9.23 24.46 18.60
N TYR B 313 -10.04 23.57 19.16
CA TYR B 313 -11.46 23.87 19.42
C TYR B 313 -11.68 23.74 20.90
N VAL B 314 -12.21 24.79 21.53
CA VAL B 314 -12.40 24.83 22.99
C VAL B 314 -13.87 25.08 23.27
N GLU B 315 -14.45 24.28 24.16
CA GLU B 315 -15.88 24.42 24.43
C GLU B 315 -16.17 25.86 24.94
N ARG B 316 -17.25 26.46 24.46
CA ARG B 316 -17.43 27.92 24.62
C ARG B 316 -17.31 28.44 26.09
N PRO B 317 -17.86 27.73 27.11
CA PRO B 317 -17.73 28.33 28.45
C PRO B 317 -16.30 28.50 28.96
N ILE B 318 -15.31 27.78 28.43
CA ILE B 318 -13.94 28.03 28.88
C ILE B 318 -13.05 28.65 27.80
N PHE B 319 -13.66 29.01 26.68
CA PHE B 319 -12.87 29.50 25.52
C PHE B 319 -12.03 30.76 25.86
N GLU B 320 -12.66 31.77 26.46
CA GLU B 320 -11.89 32.98 26.71
C GLU B 320 -10.75 32.82 27.70
N ARG B 321 -11.03 32.14 28.82
CA ARG B 321 -9.96 31.85 29.78
C ARG B 321 -8.91 30.95 29.22
N PHE B 322 -9.30 29.99 28.38
CA PHE B 322 -8.30 29.13 27.75
C PHE B 322 -7.33 29.92 26.85
N VAL B 323 -7.87 30.79 26.00
CA VAL B 323 -6.99 31.64 25.15
C VAL B 323 -6.02 32.47 25.99
N ALA B 324 -6.54 33.09 27.04
CA ALA B 324 -5.75 33.91 27.94
C ALA B 324 -4.66 33.13 28.63
N ALA B 325 -4.99 31.93 29.12
CA ALA B 325 -3.99 31.11 29.77
C ALA B 325 -2.91 30.61 28.80
N LEU B 326 -3.30 30.21 27.61
CA LEU B 326 -2.30 29.77 26.64
C LEU B 326 -1.41 30.93 26.19
N LYS B 327 -1.99 32.11 26.06
CA LYS B 327 -1.22 33.30 25.71
C LYS B 327 -0.12 33.52 26.74
N GLU B 328 -0.46 33.47 28.02
CA GLU B 328 0.53 33.68 29.09
CA GLU B 328 0.58 33.74 29.02
C GLU B 328 1.66 32.65 29.02
N GLN B 329 1.27 31.38 28.87
CA GLN B 329 2.30 30.34 28.80
C GLN B 329 3.16 30.43 27.55
N ALA B 330 2.56 30.77 26.40
CA ALA B 330 3.35 30.99 25.19
C ALA B 330 4.31 32.16 25.33
N GLN B 331 3.88 33.26 25.97
CA GLN B 331 4.79 34.39 26.14
C GLN B 331 5.88 34.08 27.15
N ALA B 332 5.68 33.05 27.98
CA ALA B 332 6.74 32.64 28.91
C ALA B 332 7.78 31.71 28.27
N LEU B 333 7.55 31.23 27.04
CA LEU B 333 8.58 30.44 26.34
C LEU B 333 9.77 31.33 26.05
N ARG B 334 10.96 30.76 25.96
CA ARG B 334 12.14 31.59 25.69
C ARG B 334 12.71 31.13 24.38
N VAL B 335 12.62 31.98 23.37
CA VAL B 335 13.02 31.65 22.02
C VAL B 335 14.51 32.00 21.85
N GLY B 336 15.35 31.03 21.47
CA GLY B 336 16.78 31.29 21.35
C GLY B 336 17.72 30.14 21.05
N ALA B 337 19.02 30.34 21.31
CA ALA B 337 20.07 29.39 20.94
C ALA B 337 20.12 28.23 21.92
N PRO B 338 20.46 27.03 21.44
CA PRO B 338 20.37 25.87 22.34
C PRO B 338 21.40 25.83 23.49
N GLU B 339 22.52 26.55 23.37
CA GLU B 339 23.56 26.58 24.40
CA GLU B 339 23.54 26.51 24.43
C GLU B 339 23.08 27.29 25.67
N ASP B 340 22.03 28.09 25.53
CA ASP B 340 21.41 28.75 26.67
C ASP B 340 20.48 27.74 27.37
N PRO B 341 20.75 27.43 28.66
CA PRO B 341 19.98 26.38 29.36
C PRO B 341 18.53 26.78 29.58
N ALA B 342 18.29 28.08 29.56
CA ALA B 342 16.95 28.65 29.71
C ALA B 342 16.08 28.61 28.43
N THR B 343 16.71 28.43 27.27
CA THR B 343 15.96 28.37 26.00
C THR B 343 14.94 27.22 25.98
N THR B 344 13.69 27.52 25.62
CA THR B 344 12.70 26.46 25.47
C THR B 344 12.06 26.31 24.08
N MET B 345 12.39 27.18 23.13
CA MET B 345 12.02 26.93 21.73
C MET B 345 13.19 27.40 20.83
N GLY B 346 13.55 26.57 19.86
CA GLY B 346 14.59 26.92 18.91
C GLY B 346 14.06 27.59 17.63
N PRO B 347 14.93 27.78 16.64
CA PRO B 347 14.53 28.41 15.36
C PRO B 347 13.78 27.46 14.43
N LEU B 348 13.22 27.96 13.34
CA LEU B 348 12.82 27.10 12.25
C LEU B 348 14.07 26.54 11.54
N ILE B 349 13.88 25.54 10.69
CA ILE B 349 15.02 24.82 10.09
C ILE B 349 15.84 25.74 9.17
N SER B 350 15.21 26.74 8.57
CA SER B 350 15.91 27.57 7.58
C SER B 350 15.17 28.88 7.33
N ARG B 351 15.89 29.85 6.79
CA ARG B 351 15.28 31.15 6.51
C ARG B 351 14.29 31.02 5.35
N GLY B 352 14.57 30.11 4.44
CA GLY B 352 13.64 29.75 3.38
C GLY B 352 12.32 29.19 3.93
N HIS B 353 12.38 28.27 4.88
CA HIS B 353 11.15 27.75 5.51
C HIS B 353 10.46 28.85 6.28
N ARG B 354 11.24 29.68 6.96
CA ARG B 354 10.68 30.82 7.68
C ARG B 354 9.93 31.77 6.73
N ASP B 355 10.47 32.00 5.53
CA ASP B 355 9.72 32.84 4.58
C ASP B 355 8.31 32.30 4.28
N LYS B 356 8.19 30.97 4.13
CA LYS B 356 6.89 30.35 3.93
C LYS B 356 5.98 30.49 5.18
N VAL B 357 6.52 30.26 6.36
CA VAL B 357 5.72 30.45 7.55
C VAL B 357 5.28 31.95 7.72
N LEU B 358 6.19 32.87 7.54
CA LEU B 358 5.82 34.30 7.69
C LEU B 358 4.83 34.76 6.62
N SER B 359 4.82 34.10 5.48
CA SER B 359 3.82 34.41 4.48
C SER B 359 2.41 33.94 4.89
N TYR B 360 2.29 32.80 5.61
CA TYR B 360 1.02 32.45 6.22
C TYR B 360 0.68 33.44 7.33
N PHE B 361 1.68 33.96 8.04
CA PHE B 361 1.34 34.85 9.14
C PHE B 361 0.71 36.15 8.56
N ARG B 362 1.27 36.62 7.44
CA ARG B 362 0.72 37.71 6.62
CA ARG B 362 0.70 37.72 6.69
C ARG B 362 -0.71 37.41 6.13
N LEU B 363 -0.90 36.20 5.57
CA LEU B 363 -2.21 35.78 5.08
C LEU B 363 -3.28 35.78 6.22
N ALA B 364 -2.90 35.36 7.44
CA ALA B 364 -3.84 35.39 8.56
C ALA B 364 -4.39 36.84 8.78
N VAL B 365 -3.50 37.82 8.76
CA VAL B 365 -3.95 39.24 8.86
C VAL B 365 -4.85 39.62 7.68
N GLU B 366 -4.48 39.22 6.46
CA GLU B 366 -5.36 39.46 5.33
C GLU B 366 -6.72 38.80 5.53
N GLU B 367 -6.75 37.61 6.14
CA GLU B 367 -8.02 36.91 6.36
C GLU B 367 -8.80 37.43 7.58
N GLY B 368 -8.28 38.40 8.31
CA GLY B 368 -9.06 39.01 9.37
C GLY B 368 -8.84 38.41 10.75
N ALA B 369 -7.72 37.71 10.96
CA ALA B 369 -7.41 37.07 12.24
C ALA B 369 -7.15 38.09 13.30
N THR B 370 -7.52 37.76 14.53
CA THR B 370 -7.04 38.49 15.69
C THR B 370 -5.75 37.85 16.12
N VAL B 371 -4.68 38.61 16.20
CA VAL B 371 -3.37 38.05 16.59
C VAL B 371 -3.21 38.20 18.10
N VAL B 372 -3.40 37.09 18.79
CA VAL B 372 -3.35 37.08 20.24
C VAL B 372 -1.95 37.24 20.75
N THR B 373 -1.00 36.56 20.12
CA THR B 373 0.41 36.76 20.42
C THR B 373 1.27 36.35 19.23
N GLY B 374 2.52 36.82 19.16
CA GLY B 374 3.40 36.43 18.05
C GLY B 374 3.06 37.15 16.73
N GLY B 375 3.18 36.42 15.62
CA GLY B 375 2.84 36.91 14.28
C GLY B 375 4.07 37.38 13.52
N GLY B 376 5.26 37.20 14.06
CA GLY B 376 6.44 37.61 13.31
C GLY B 376 7.71 37.01 13.85
N ALA B 377 8.84 37.44 13.30
CA ALA B 377 10.15 37.00 13.77
C ALA B 377 10.59 37.95 14.90
N PRO B 378 11.33 37.45 15.91
CA PRO B 378 11.91 38.37 16.93
C PRO B 378 13.13 39.09 16.40
N SER B 379 13.61 40.09 17.14
CA SER B 379 14.85 40.77 16.85
C SER B 379 15.81 40.62 18.02
N PHE B 380 17.03 40.13 17.78
CA PHE B 380 18.01 39.87 18.85
C PHE B 380 19.08 40.97 19.00
N GLY B 381 19.46 41.58 17.88
CA GLY B 381 20.53 42.57 17.85
C GLY B 381 21.90 41.92 17.85
N ASP B 382 21.96 40.63 17.50
CA ASP B 382 23.25 39.96 17.34
C ASP B 382 23.17 38.89 16.25
N ALA B 383 24.13 37.96 16.20
CA ALA B 383 24.20 36.98 15.12
C ALA B 383 22.97 36.05 15.04
N ARG B 384 22.19 35.98 16.11
CA ARG B 384 20.94 35.23 16.07
C ARG B 384 19.96 35.77 15.03
N ASP B 385 20.11 37.04 14.65
CA ASP B 385 19.26 37.61 13.60
C ASP B 385 19.59 37.00 12.20
N ASP B 386 20.76 36.37 12.10
CA ASP B 386 21.18 35.66 10.88
C ASP B 386 20.63 34.22 10.88
N GLY B 387 19.94 33.84 11.96
CA GLY B 387 19.27 32.55 12.02
C GLY B 387 17.86 32.64 11.46
N ALA B 388 17.01 31.76 11.93
CA ALA B 388 15.68 31.57 11.36
C ALA B 388 14.58 31.53 12.41
N PHE B 389 14.66 32.38 13.42
CA PHE B 389 13.63 32.37 14.48
C PHE B 389 12.28 33.01 14.12
N VAL B 390 11.23 32.43 14.69
CA VAL B 390 9.88 32.96 14.64
C VAL B 390 9.24 32.85 16.03
N MET B 391 8.42 33.83 16.43
CA MET B 391 7.70 33.73 17.72
C MET B 391 6.47 32.78 17.71
N PRO B 392 6.23 32.10 18.85
CA PRO B 392 4.98 31.34 19.05
C PRO B 392 3.80 32.26 18.82
N THR B 393 2.86 31.77 18.02
CA THR B 393 1.80 32.61 17.50
C THR B 393 0.45 31.95 17.78
N ILE B 394 -0.50 32.73 18.27
CA ILE B 394 -1.87 32.27 18.48
C ILE B 394 -2.83 33.19 17.72
N TRP B 395 -3.75 32.60 16.96
CA TRP B 395 -4.85 33.35 16.32
C TRP B 395 -6.21 33.00 16.88
N THR B 396 -7.13 33.96 16.83
CA THR B 396 -8.57 33.68 16.93
C THR B 396 -9.33 34.43 15.84
N GLY B 397 -10.63 34.17 15.72
CA GLY B 397 -11.48 34.96 14.85
C GLY B 397 -11.59 34.46 13.40
N LEU B 398 -10.91 33.38 13.02
CA LEU B 398 -11.05 32.89 11.61
C LEU B 398 -12.14 31.81 11.46
N PRO B 399 -12.91 31.85 10.35
CA PRO B 399 -13.91 30.81 10.08
C PRO B 399 -13.26 29.50 9.63
N ASP B 400 -13.95 28.34 9.73
CA ASP B 400 -13.38 27.03 9.37
C ASP B 400 -12.87 26.95 7.91
N SER B 401 -13.39 27.86 7.11
CA SER B 401 -13.07 27.90 5.68
C SER B 401 -11.78 28.66 5.36
N ALA B 402 -11.19 29.39 6.32
CA ALA B 402 -10.05 30.26 6.00
C ALA B 402 -8.84 29.41 5.61
N ARG B 403 -8.02 29.89 4.67
CA ARG B 403 -6.81 29.12 4.27
C ARG B 403 -5.86 28.86 5.47
N CYS B 404 -5.77 29.82 6.41
CA CYS B 404 -4.84 29.68 7.52
C CYS B 404 -5.29 28.60 8.56
N VAL B 405 -6.54 28.17 8.55
CA VAL B 405 -6.88 27.08 9.43
C VAL B 405 -7.07 25.77 8.63
N ARG B 406 -6.85 25.81 7.31
CA ARG B 406 -6.97 24.57 6.55
C ARG B 406 -5.63 24.04 6.03
N GLU B 407 -4.73 24.96 5.67
CA GLU B 407 -3.48 24.60 5.00
C GLU B 407 -2.39 24.44 6.02
N GLU B 408 -1.58 23.38 5.86
CA GLU B 408 -0.51 23.12 6.82
C GLU B 408 0.54 24.24 6.76
N ILE B 409 0.92 24.81 7.90
CA ILE B 409 1.93 25.88 7.96
C ILE B 409 3.29 25.34 8.37
N PHE B 410 3.30 24.41 9.33
CA PHE B 410 4.52 23.75 9.80
C PHE B 410 5.42 24.77 10.49
N GLY B 411 4.79 25.64 11.27
CA GLY B 411 5.49 26.60 12.11
C GLY B 411 4.82 26.64 13.49
N PRO B 412 5.32 27.48 14.39
CA PRO B 412 4.77 27.46 15.78
C PRO B 412 3.51 28.33 15.91
N VAL B 413 2.38 27.74 15.51
CA VAL B 413 1.12 28.49 15.48
C VAL B 413 -0.09 27.60 15.73
N CYS B 414 -1.10 28.17 16.38
CA CYS B 414 -2.39 27.51 16.39
C CYS B 414 -3.45 28.59 16.31
N HIS B 415 -4.56 28.23 15.68
CA HIS B 415 -5.78 29.02 15.72
C HIS B 415 -6.71 28.37 16.74
N ILE B 416 -7.41 29.18 17.53
CA ILE B 416 -8.35 28.67 18.56
C ILE B 416 -9.75 29.17 18.29
N ALA B 417 -10.70 28.25 18.30
CA ALA B 417 -12.09 28.57 18.06
C ALA B 417 -13.04 27.97 19.13
N PRO B 418 -14.15 28.65 19.40
CA PRO B 418 -15.16 28.06 20.29
C PRO B 418 -16.07 26.99 19.61
N PHE B 419 -16.54 26.02 20.38
CA PHE B 419 -17.60 25.17 19.89
C PHE B 419 -18.65 24.99 20.98
N ASP B 420 -19.84 24.57 20.57
CA ASP B 420 -20.94 24.41 21.49
C ASP B 420 -21.32 22.96 21.72
N ASP B 421 -21.22 22.08 20.75
CA ASP B 421 -21.63 20.72 21.14
C ASP B 421 -20.78 19.66 20.47
N GLU B 422 -20.92 18.44 20.98
CA GLU B 422 -20.04 17.33 20.61
C GLU B 422 -20.15 16.93 19.13
N ALA B 423 -21.37 16.77 18.64
CA ALA B 423 -21.56 16.36 17.26
C ALA B 423 -21.00 17.40 16.29
N GLU B 424 -21.09 18.67 16.65
CA GLU B 424 -20.55 19.79 15.89
C GLU B 424 -19.02 19.71 15.79
N VAL B 425 -18.34 19.53 16.92
CA VAL B 425 -16.90 19.59 16.91
C VAL B 425 -16.28 18.37 16.25
N VAL B 426 -16.95 17.22 16.32
CA VAL B 426 -16.49 16.03 15.60
C VAL B 426 -16.50 16.34 14.10
N LYS B 427 -17.59 16.90 13.61
CA LYS B 427 -17.66 17.25 12.21
C LYS B 427 -16.58 18.28 11.84
N ARG B 428 -16.32 19.26 12.70
CA ARG B 428 -15.36 20.31 12.36
C ARG B 428 -13.93 19.74 12.35
N VAL B 429 -13.63 18.85 13.28
CA VAL B 429 -12.35 18.18 13.28
C VAL B 429 -12.18 17.39 11.96
N ASN B 430 -13.19 16.66 11.54
CA ASN B 430 -13.08 15.77 10.37
C ASN B 430 -13.17 16.52 9.04
N ASP B 431 -13.56 17.80 9.11
CA ASP B 431 -13.61 18.68 7.91
C ASP B 431 -12.18 19.13 7.47
N SER B 432 -11.49 18.28 6.75
CA SER B 432 -10.07 18.49 6.42
C SER B 432 -9.68 17.50 5.34
N ALA B 433 -8.83 17.92 4.42
CA ALA B 433 -8.33 16.97 3.42
C ALA B 433 -7.16 16.11 4.01
N TYR B 434 -6.68 16.50 5.19
CA TYR B 434 -5.64 15.76 5.92
C TYR B 434 -6.28 14.84 6.98
N GLY B 435 -5.50 13.92 7.54
CA GLY B 435 -6.02 13.08 8.64
C GLY B 435 -4.91 12.36 9.35
N LEU B 436 -4.00 13.14 9.92
CA LEU B 436 -2.87 12.50 10.56
C LEU B 436 -3.19 12.16 12.03
N ALA B 437 -3.40 13.17 12.90
CA ALA B 437 -3.57 12.91 14.31
C ALA B 437 -4.54 13.88 14.94
N ALA B 438 -5.04 13.58 16.13
CA ALA B 438 -5.86 14.55 16.87
C ALA B 438 -5.62 14.30 18.37
N SER B 439 -5.86 15.29 19.21
CA SER B 439 -5.84 15.05 20.67
C SER B 439 -7.13 15.62 21.27
N ILE B 440 -7.66 14.93 22.28
CA ILE B 440 -8.92 15.29 22.91
C ILE B 440 -8.67 15.40 24.41
N TRP B 441 -9.17 16.45 25.06
CA TRP B 441 -9.02 16.65 26.50
C TRP B 441 -10.40 16.60 27.15
N THR B 442 -10.60 15.60 27.99
CA THR B 442 -11.86 15.45 28.73
C THR B 442 -11.56 14.56 29.94
N THR B 443 -12.31 14.72 31.01
CA THR B 443 -12.24 13.76 32.13
C THR B 443 -13.33 12.67 32.11
N GLN B 444 -14.19 12.73 31.12
CA GLN B 444 -15.38 11.88 31.13
CA GLN B 444 -15.39 11.88 31.10
C GLN B 444 -15.11 10.58 30.35
N LEU B 445 -15.40 9.46 30.97
CA LEU B 445 -15.19 8.10 30.40
C LEU B 445 -15.91 7.84 29.08
N ALA B 446 -17.21 7.98 29.07
CA ALA B 446 -17.98 7.75 27.86
C ALA B 446 -17.57 8.70 26.74
N ARG B 447 -17.49 9.99 27.07
CA ARG B 447 -17.15 10.99 26.06
C ARG B 447 -15.79 10.72 25.43
N GLY B 448 -14.81 10.44 26.29
CA GLY B 448 -13.47 10.18 25.76
C GLY B 448 -13.47 9.09 24.68
N HIS B 449 -14.09 7.95 24.97
CA HIS B 449 -14.05 6.87 24.01
C HIS B 449 -14.93 7.08 22.81
N ARG B 450 -16.13 7.60 23.01
CA ARG B 450 -17.05 7.70 21.89
C ARG B 450 -16.60 8.80 20.96
N VAL B 451 -15.94 9.84 21.45
CA VAL B 451 -15.45 10.90 20.53
C VAL B 451 -14.22 10.38 19.81
N ALA B 452 -13.29 9.73 20.54
CA ALA B 452 -12.04 9.29 19.87
C ALA B 452 -12.33 8.38 18.67
N LYS B 453 -13.32 7.50 18.78
CA LYS B 453 -13.55 6.47 17.76
C LYS B 453 -14.17 7.13 16.50
N GLN B 454 -14.62 8.38 16.62
CA GLN B 454 -15.20 9.04 15.45
C GLN B 454 -14.19 9.85 14.61
N ILE B 455 -12.99 10.04 15.13
CA ILE B 455 -12.06 10.97 14.50
C ILE B 455 -11.35 10.31 13.34
N GLU B 456 -11.33 10.98 12.18
CA GLU B 456 -10.81 10.33 10.95
C GLU B 456 -9.32 10.59 10.82
N THR B 457 -8.54 10.02 11.77
CA THR B 457 -7.10 10.25 11.82
C THR B 457 -6.41 8.87 12.06
N GLY B 458 -5.09 8.81 11.94
CA GLY B 458 -4.37 7.54 12.11
C GLY B 458 -4.16 7.31 13.59
N ILE B 459 -4.11 8.40 14.33
CA ILE B 459 -3.86 8.37 15.75
C ILE B 459 -4.81 9.33 16.46
N VAL B 460 -5.36 8.89 17.60
CA VAL B 460 -6.06 9.86 18.48
C VAL B 460 -5.55 9.71 19.92
N TRP B 461 -5.01 10.77 20.51
CA TRP B 461 -4.65 10.76 21.92
C TRP B 461 -5.76 11.38 22.78
N VAL B 462 -6.00 10.81 23.97
CA VAL B 462 -6.93 11.40 24.94
C VAL B 462 -6.12 11.83 26.20
N ASN B 463 -6.11 13.13 26.48
CA ASN B 463 -5.32 13.68 27.56
C ASN B 463 -3.84 13.41 27.45
N ALA B 464 -3.33 13.41 26.21
CA ALA B 464 -1.92 13.20 25.94
C ALA B 464 -1.63 13.70 24.51
N TRP B 465 -0.35 13.64 24.13
CA TRP B 465 0.09 14.00 22.79
C TRP B 465 1.49 13.45 22.50
N PHE B 466 1.71 12.94 21.30
CA PHE B 466 3.05 12.46 20.84
C PHE B 466 3.65 11.49 21.82
N VAL B 467 2.83 10.57 22.31
CA VAL B 467 3.31 9.42 23.06
C VAL B 467 3.34 8.25 22.10
N ARG B 468 4.53 7.73 21.83
CA ARG B 468 4.72 6.73 20.76
C ARG B 468 5.17 5.35 21.29
N ASP B 469 4.22 4.43 21.39
CA ASP B 469 4.56 3.04 21.61
C ASP B 469 4.92 2.45 20.24
N LEU B 470 6.17 2.03 20.09
CA LEU B 470 6.67 1.64 18.75
C LEU B 470 6.05 0.33 18.21
N ARG B 471 5.26 -0.39 19.02
CA ARG B 471 4.56 -1.61 18.53
C ARG B 471 3.23 -1.30 17.83
N THR B 472 2.71 -0.08 18.01
CA THR B 472 1.39 0.29 17.50
C THR B 472 1.45 0.79 16.02
N PRO B 473 0.35 0.65 15.26
CA PRO B 473 0.35 1.13 13.88
C PRO B 473 0.33 2.68 13.81
N PHE B 474 1.33 3.23 13.11
CA PHE B 474 1.53 4.67 12.98
C PHE B 474 1.47 5.06 11.49
N GLY B 475 0.63 6.03 11.17
CA GLY B 475 0.56 6.54 9.80
C GLY B 475 -0.61 7.51 9.69
N GLY B 476 -0.92 7.95 8.48
CA GLY B 476 -2.03 8.86 8.26
C GLY B 476 -3.11 8.38 7.30
N THR B 477 -4.25 9.09 7.30
CA THR B 477 -5.34 8.86 6.37
C THR B 477 -5.43 10.02 5.35
N LYS B 478 -6.21 9.82 4.28
CA LYS B 478 -6.45 10.93 3.31
C LYS B 478 -5.09 11.42 2.78
N LEU B 479 -4.89 12.77 2.73
CA LEU B 479 -3.61 13.31 2.22
C LEU B 479 -2.37 13.03 3.14
N SER B 480 -2.59 12.53 4.36
CA SER B 480 -1.51 12.44 5.34
C SER B 480 -0.65 11.18 5.26
N GLY B 481 -0.94 10.28 4.32
CA GLY B 481 -0.12 9.09 4.26
C GLY B 481 -0.62 7.91 3.45
N LEU B 482 0.22 6.87 3.41
CA LEU B 482 -0.10 5.59 2.77
C LEU B 482 0.60 4.53 3.61
N GLY B 483 -0.16 3.51 4.04
CA GLY B 483 0.37 2.45 4.89
C GLY B 483 0.52 2.79 6.37
N ARG B 484 0.97 1.80 7.12
CA ARG B 484 1.27 1.95 8.54
C ARG B 484 2.63 1.39 8.79
N GLU B 485 3.32 1.95 9.76
CA GLU B 485 4.54 1.32 10.23
C GLU B 485 4.38 1.08 11.73
N GLY B 486 5.30 0.30 12.31
CA GLY B 486 5.16 -0.11 13.69
C GLY B 486 4.72 -1.56 13.76
N GLY B 487 5.38 -2.37 14.59
CA GLY B 487 4.99 -3.78 14.71
C GLY B 487 4.94 -4.63 13.44
N ARG B 488 3.93 -5.48 13.37
CA ARG B 488 3.72 -6.36 12.21
C ARG B 488 3.51 -5.58 10.88
N HIS B 489 3.04 -4.34 10.98
CA HIS B 489 2.89 -3.50 9.76
C HIS B 489 4.26 -3.21 9.14
N SER B 490 5.27 -3.00 9.97
CA SER B 490 6.65 -2.84 9.48
C SER B 490 7.18 -4.18 8.96
N LEU B 491 6.95 -5.26 9.71
CA LEU B 491 7.34 -6.58 9.24
C LEU B 491 6.79 -6.92 7.88
N ASP B 492 5.51 -6.60 7.67
CA ASP B 492 4.88 -6.89 6.39
C ASP B 492 5.31 -5.86 5.30
N PHE B 493 5.51 -4.60 5.65
CA PHE B 493 5.85 -3.65 4.55
C PHE B 493 7.22 -3.94 3.93
N TYR B 494 8.22 -4.13 4.79
CA TYR B 494 9.60 -4.30 4.31
C TYR B 494 9.92 -5.74 3.84
N SER B 495 8.89 -6.54 3.67
CA SER B 495 9.02 -7.93 3.23
C SER B 495 8.13 -8.27 2.04
N GLU B 496 8.50 -9.25 1.22
CA GLU B 496 7.49 -9.85 0.33
C GLU B 496 6.91 -11.08 1.02
N LEU B 497 5.59 -11.11 1.15
CA LEU B 497 4.87 -12.26 1.68
C LEU B 497 4.70 -13.30 0.56
N THR B 498 4.96 -14.58 0.87
CA THR B 498 4.63 -15.67 -0.04
C THR B 498 3.75 -16.71 0.65
N ASN B 499 2.60 -17.01 0.06
CA ASN B 499 1.80 -18.11 0.60
C ASN B 499 2.26 -19.44 -0.08
N VAL B 500 2.78 -20.36 0.71
CA VAL B 500 3.20 -21.67 0.21
C VAL B 500 2.07 -22.66 0.55
N CYS B 501 1.50 -23.22 -0.50
CA CYS B 501 0.33 -24.07 -0.41
C CYS B 501 0.73 -25.48 -0.88
N VAL B 502 0.73 -26.45 0.04
CA VAL B 502 1.28 -27.78 -0.23
C VAL B 502 0.17 -28.84 -0.12
N ARG B 503 -0.05 -29.60 -1.17
CA ARG B 503 -0.99 -30.69 -1.04
C ARG B 503 -0.36 -31.82 -0.16
N ILE B 504 -1.10 -32.37 0.78
CA ILE B 504 -0.55 -33.48 1.60
C ILE B 504 -1.41 -34.74 1.52
N ALA B 505 -2.60 -34.61 0.94
CA ALA B 505 -3.48 -35.74 0.73
C ALA B 505 -4.47 -35.46 -0.38
MG MG C . -17.27 -9.33 -26.49
MG MG D . -0.13 -1.19 1.14
MG MG E . -6.13 0.39 5.89
C1 EDO F . -22.19 -21.47 -3.22
O1 EDO F . -20.81 -21.13 -3.35
C2 EDO F . -22.71 -21.79 -4.62
O2 EDO F . -24.03 -22.35 -4.54
MG MG G . 20.64 24.78 7.28
MG MG H . -4.42 19.57 36.90
MG MG I . 5.03 -6.80 1.98
#